data_6C4D
#
_entry.id   6C4D
#
_cell.length_a   45.768
_cell.length_b   138.133
_cell.length_c   95.933
_cell.angle_alpha   90.00
_cell.angle_beta   96.08
_cell.angle_gamma   90.00
#
_symmetry.space_group_name_H-M   'P 1 21 1'
#
loop_
_entity.id
_entity.type
_entity.pdbx_description
1 polymer 'Receptor-interacting serine/threonine-protein kinase 1'
2 non-polymer (3S)-3-(2-benzyl-3-chloro-7-oxo-2,4,5,7-tetrahydro-6H-pyrazolo[3,4-c]pyridin-6-yl)-5-methyl-4-oxo-2,3,4,5-tetrahydro-1,5-benzoxazepine-8-carbonitrile
3 water water
#
_entity_poly.entity_id   1
_entity_poly.type   'polypeptide(L)'
_entity_poly.pdbx_seq_one_letter_code
;GGSGQPDMSLNVIKMKSSDFLESAELDSGGFGKVSLAFHRTQGLMIMKTVYKGPNCIEHNEALLEEAKMMNRLRHSRVVK
LLGVIIEEGKYSLVMEYMEKGNLMHVLKAEMSTPLSVKGRIILEIIEGMAYLHGKGVIHKDLKPENILVDNDFHIKIADL
GLASFKMWSKLNNEEHNELREVDGTAKKNGGTLYYMAPEHLNDVNAKPTEKSDVYSFAVVLWAIFANKEPYENAIAEQQL
IMAIKSGNRPDVDDITEYCPREIISLMKLCWEANPEARPTFPGIEEKFRPFYLSQLE
;
_entity_poly.pdbx_strand_id   A,B,C,D
#
loop_
_chem_comp.id
_chem_comp.type
_chem_comp.name
_chem_comp.formula
EJP non-polymer (3S)-3-(2-benzyl-3-chloro-7-oxo-2,4,5,7-tetrahydro-6H-pyrazolo[3,4-c]pyridin-6-yl)-5-methyl-4-oxo-2,3,4,5-tetrahydro-1,5-benzoxazepine-8-carbonitrile 'C24 H20 Cl N5 O3'
#
# COMPACT_ATOMS: atom_id res chain seq x y z
N ASN A 11 19.99 18.27 -0.63
CA ASN A 11 19.12 18.30 0.60
C ASN A 11 18.12 17.14 0.72
N VAL A 12 17.95 16.36 -0.35
CA VAL A 12 16.91 15.32 -0.43
C VAL A 12 17.17 14.15 0.53
N ILE A 13 18.45 13.85 0.78
CA ILE A 13 18.81 12.75 1.68
C ILE A 13 19.15 13.23 3.09
N LYS A 14 18.98 14.53 3.35
CA LYS A 14 19.19 15.10 4.68
C LYS A 14 17.97 14.92 5.56
N MET A 15 18.11 14.10 6.61
CA MET A 15 17.12 13.99 7.66
C MET A 15 17.70 14.68 8.90
N LYS A 16 16.93 14.68 9.99
CA LYS A 16 17.44 15.10 11.30
C LYS A 16 16.63 14.48 12.43
N SER A 17 17.11 14.63 13.67
CA SER A 17 16.51 13.96 14.82
C SER A 17 15.05 14.39 15.06
N SER A 18 14.75 15.67 14.85
CA SER A 18 13.39 16.19 15.02
C SER A 18 12.43 15.75 13.91
N ASP A 19 12.97 15.32 12.76
CA ASP A 19 12.17 14.68 11.71
C ASP A 19 11.71 13.32 12.21
N PHE A 20 12.62 12.61 12.85
CA PHE A 20 12.33 11.35 13.52
C PHE A 20 11.52 11.58 14.79
N LEU A 21 10.85 10.53 15.26
CA LEU A 21 10.21 10.56 16.56
C LEU A 21 11.29 10.43 17.63
N GLU A 22 12.15 9.43 17.48
CA GLU A 22 13.36 9.29 18.29
C GLU A 22 14.21 8.12 17.81
N GLY A 30 21.54 -7.74 18.92
CA GLY A 30 22.41 -7.80 17.76
C GLY A 30 22.65 -6.44 17.14
N PHE A 31 23.00 -6.42 15.86
CA PHE A 31 23.26 -5.19 15.09
C PHE A 31 24.38 -4.31 15.67
N GLY A 32 24.13 -3.68 16.82
CA GLY A 32 25.15 -2.90 17.53
C GLY A 32 24.57 -1.71 18.27
N LYS A 33 25.32 -0.60 18.25
CA LYS A 33 24.83 0.68 18.78
C LYS A 33 23.80 1.28 17.82
N VAL A 34 22.65 0.60 17.72
CA VAL A 34 21.65 0.85 16.69
C VAL A 34 20.31 1.07 17.36
N SER A 35 19.48 1.91 16.76
CA SER A 35 18.13 2.16 17.27
C SER A 35 17.10 2.15 16.14
N LEU A 36 15.92 1.61 16.45
CA LEU A 36 14.81 1.57 15.51
C LEU A 36 14.15 2.95 15.48
N ALA A 37 13.54 3.29 14.34
CA ALA A 37 12.85 4.57 14.20
C ALA A 37 11.75 4.53 13.14
N PHE A 38 10.87 5.52 13.18
CA PHE A 38 9.74 5.59 12.26
C PHE A 38 9.54 7.04 11.80
N HIS A 39 9.90 7.32 10.54
CA HIS A 39 9.69 8.64 9.96
C HIS A 39 8.23 8.80 9.56
N ARG A 40 7.76 10.04 9.49
CA ARG A 40 6.36 10.36 9.21
C ARG A 40 5.80 9.69 7.96
N THR A 41 6.32 10.07 6.80
CA THR A 41 5.81 9.59 5.51
C THR A 41 6.07 8.09 5.28
N GLN A 42 7.33 7.71 5.19
CA GLN A 42 7.72 6.31 4.97
C GLN A 42 7.48 5.47 6.23
N GLY A 43 7.37 4.15 6.06
CA GLY A 43 7.14 3.22 7.17
C GLY A 43 8.26 3.11 8.18
N LEU A 44 8.76 1.90 8.41
CA LEU A 44 9.72 1.63 9.49
C LEU A 44 11.17 1.69 9.02
N MET A 45 12.04 2.18 9.90
CA MET A 45 13.44 2.44 9.55
C MET A 45 14.40 2.02 10.66
N ILE A 46 15.65 1.74 10.27
CA ILE A 46 16.74 1.44 11.19
C ILE A 46 17.72 2.60 11.16
N MET A 47 18.13 3.07 12.34
CA MET A 47 19.11 4.15 12.44
C MET A 47 20.35 3.69 13.19
N LYS A 48 21.53 4.08 12.69
CA LYS A 48 22.81 3.83 13.34
C LYS A 48 23.63 5.12 13.37
N THR A 49 24.22 5.42 14.51
CA THR A 49 25.12 6.56 14.65
C THR A 49 26.54 6.12 14.33
N VAL A 50 27.14 6.74 13.31
CA VAL A 50 28.45 6.33 12.80
C VAL A 50 29.61 7.03 13.53
N TYR A 51 29.41 8.30 13.86
CA TYR A 51 30.46 9.12 14.49
C TYR A 51 29.89 10.04 15.56
N LYS A 52 30.59 10.12 16.69
CA LYS A 52 30.30 11.07 17.75
C LYS A 52 31.59 11.80 18.12
N GLY A 53 31.61 13.11 17.92
CA GLY A 53 32.79 13.92 18.21
C GLY A 53 32.70 15.32 17.61
N PRO A 54 33.82 16.06 17.61
CA PRO A 54 33.86 17.41 17.05
C PRO A 54 33.64 17.47 15.54
N ASN A 55 33.31 18.65 15.04
CA ASN A 55 32.88 18.82 13.66
C ASN A 55 34.06 18.94 12.68
N CYS A 56 34.13 18.01 11.74
CA CYS A 56 35.15 18.03 10.69
C CYS A 56 34.89 19.13 9.66
N ILE A 57 33.62 19.50 9.51
CA ILE A 57 33.14 20.61 8.66
C ILE A 57 33.59 20.62 7.17
N GLU A 58 34.90 20.62 6.91
CA GLU A 58 35.38 20.62 5.52
C GLU A 58 35.13 19.27 4.85
N HIS A 59 35.00 18.22 5.66
CA HIS A 59 34.60 16.90 5.18
C HIS A 59 33.13 16.64 5.45
N ASN A 60 32.27 17.52 4.93
CA ASN A 60 30.82 17.34 4.97
C ASN A 60 30.21 17.29 3.57
N GLU A 61 30.62 18.21 2.71
CA GLU A 61 30.21 18.20 1.30
C GLU A 61 30.53 16.85 0.64
N ALA A 62 31.67 16.28 1.01
CA ALA A 62 32.08 14.96 0.51
C ALA A 62 31.15 13.85 1.02
N LEU A 63 30.77 13.93 2.29
CA LEU A 63 29.88 12.94 2.91
C LEU A 63 28.49 12.92 2.27
N LEU A 64 27.94 14.10 1.99
CA LEU A 64 26.61 14.20 1.40
C LEU A 64 26.60 13.81 -0.08
N GLU A 65 27.59 14.29 -0.83
CA GLU A 65 27.75 13.91 -2.25
C GLU A 65 27.83 12.40 -2.42
N GLU A 66 28.50 11.74 -1.49
CA GLU A 66 28.64 10.29 -1.49
C GLU A 66 27.36 9.61 -1.00
N ALA A 67 26.66 10.25 -0.05
CA ALA A 67 25.37 9.76 0.44
C ALA A 67 24.30 9.77 -0.66
N LYS A 68 24.30 10.79 -1.51
CA LYS A 68 23.36 10.86 -2.64
C LYS A 68 23.76 9.92 -3.77
N MET A 69 25.06 9.70 -3.93
CA MET A 69 25.57 8.75 -4.93
C MET A 69 25.15 7.31 -4.62
N MET A 70 25.09 6.95 -3.35
CA MET A 70 24.63 5.61 -2.93
C MET A 70 23.11 5.55 -2.66
N ASN A 71 22.47 6.71 -2.59
CA ASN A 71 21.01 6.80 -2.60
C ASN A 71 20.42 6.38 -3.95
N ARG A 72 21.20 6.58 -5.02
CA ARG A 72 20.82 6.16 -6.38
C ARG A 72 20.64 4.64 -6.56
N LEU A 73 21.21 3.85 -5.65
CA LEU A 73 21.18 2.38 -5.78
C LEU A 73 19.83 1.79 -5.37
N ARG A 74 18.89 1.80 -6.31
CA ARG A 74 17.55 1.24 -6.09
C ARG A 74 17.39 -0.14 -6.72
N HIS A 75 17.36 -1.16 -5.88
CA HIS A 75 17.05 -2.53 -6.31
C HIS A 75 16.36 -3.25 -5.16
N SER A 76 15.40 -4.11 -5.48
CA SER A 76 14.61 -4.80 -4.45
C SER A 76 15.43 -5.76 -3.58
N ARG A 77 16.62 -6.12 -4.06
CA ARG A 77 17.54 -6.99 -3.33
C ARG A 77 18.81 -6.25 -2.89
N VAL A 78 18.75 -4.92 -2.90
CA VAL A 78 19.84 -4.09 -2.39
C VAL A 78 19.27 -3.08 -1.40
N VAL A 79 19.94 -2.96 -0.25
CA VAL A 79 19.53 -2.03 0.80
C VAL A 79 19.65 -0.61 0.26
N LYS A 80 18.58 0.17 0.42
CA LYS A 80 18.58 1.57 0.01
C LYS A 80 18.93 2.45 1.19
N LEU A 81 19.87 3.36 1.00
CA LEU A 81 20.12 4.45 1.95
C LEU A 81 18.93 5.40 1.86
N LEU A 82 18.19 5.53 2.94
CA LEU A 82 17.01 6.40 2.96
C LEU A 82 17.36 7.84 3.33
N GLY A 83 18.35 8.03 4.19
CA GLY A 83 18.82 9.37 4.53
C GLY A 83 20.03 9.41 5.45
N VAL A 84 20.46 10.63 5.76
CA VAL A 84 21.64 10.87 6.61
C VAL A 84 21.41 12.06 7.55
N ILE A 85 21.69 11.86 8.84
CA ILE A 85 21.49 12.88 9.87
C ILE A 85 22.82 13.57 10.19
N ILE A 86 22.94 14.84 9.81
CA ILE A 86 24.16 15.62 9.99
C ILE A 86 23.91 16.77 10.96
N GLU A 87 24.12 16.50 12.25
CA GLU A 87 23.92 17.49 13.31
C GLU A 87 25.24 17.85 13.99
N GLU A 88 25.19 18.87 14.85
CA GLU A 88 26.36 19.37 15.58
C GLU A 88 27.52 18.36 15.64
N GLY A 89 27.36 17.33 16.46
CA GLY A 89 28.35 16.27 16.62
C GLY A 89 27.96 14.94 16.00
N LYS A 90 26.66 14.67 15.94
CA LYS A 90 26.15 13.37 15.51
C LYS A 90 26.17 13.23 13.99
N TYR A 91 26.72 12.10 13.52
CA TYR A 91 26.69 11.70 12.11
C TYR A 91 26.09 10.30 12.02
N SER A 92 24.92 10.18 11.40
CA SER A 92 24.18 8.92 11.37
C SER A 92 23.67 8.57 9.97
N LEU A 93 23.39 7.29 9.77
CA LEU A 93 22.84 6.77 8.52
C LEU A 93 21.49 6.08 8.76
N VAL A 94 20.62 6.13 7.76
CA VAL A 94 19.27 5.55 7.86
C VAL A 94 19.01 4.60 6.70
N MET A 95 18.56 3.39 7.01
CA MET A 95 18.26 2.38 5.99
C MET A 95 16.92 1.68 6.20
N GLU A 96 16.54 0.88 5.20
CA GLU A 96 15.30 0.11 5.24
C GLU A 96 15.35 -0.95 6.34
N TYR A 97 14.17 -1.25 6.90
CA TYR A 97 14.04 -2.25 7.96
C TYR A 97 13.93 -3.68 7.42
N MET A 98 14.58 -4.61 8.10
CA MET A 98 14.56 -6.04 7.75
C MET A 98 14.55 -6.84 9.06
N GLU A 99 13.42 -7.49 9.35
CA GLU A 99 13.17 -7.98 10.71
C GLU A 99 13.85 -9.28 11.13
N LYS A 100 14.13 -10.18 10.19
CA LYS A 100 14.77 -11.46 10.53
C LYS A 100 16.28 -11.37 10.74
N GLY A 101 16.86 -10.20 10.46
CA GLY A 101 18.28 -9.95 10.70
C GLY A 101 19.15 -10.42 9.55
N ASN A 102 20.40 -10.78 9.86
CA ASN A 102 21.33 -11.24 8.82
C ASN A 102 21.12 -12.73 8.50
N LEU A 103 21.72 -13.18 7.40
CA LEU A 103 21.46 -14.52 6.89
C LEU A 103 21.93 -15.64 7.81
N MET A 104 23.04 -15.43 8.52
CA MET A 104 23.60 -16.45 9.41
C MET A 104 22.68 -16.72 10.60
N HIS A 105 22.26 -15.65 11.29
CA HIS A 105 21.30 -15.75 12.40
C HIS A 105 20.04 -16.51 11.98
N VAL A 106 19.61 -16.30 10.74
CA VAL A 106 18.48 -17.04 10.15
C VAL A 106 18.84 -18.52 9.96
N LEU A 107 19.99 -18.78 9.34
CA LEU A 107 20.47 -20.14 9.11
C LEU A 107 20.73 -20.92 10.41
N LYS A 108 21.13 -20.22 11.46
CA LYS A 108 21.42 -20.87 12.75
C LYS A 108 20.18 -21.04 13.63
N ALA A 109 19.00 -20.72 13.11
CA ALA A 109 17.76 -20.76 13.88
C ALA A 109 17.31 -22.19 14.22
N GLU A 110 16.42 -22.29 15.18
CA GLU A 110 15.89 -23.58 15.64
C GLU A 110 15.24 -24.35 14.51
N MET A 111 14.39 -23.65 13.73
CA MET A 111 13.74 -24.24 12.58
C MET A 111 14.67 -24.13 11.37
N SER A 112 14.72 -25.20 10.58
CA SER A 112 15.56 -25.24 9.38
C SER A 112 14.91 -24.49 8.23
N THR A 113 15.74 -23.91 7.37
CA THR A 113 15.26 -23.20 6.18
C THR A 113 15.22 -24.21 5.03
N PRO A 114 14.04 -24.41 4.42
CA PRO A 114 13.93 -25.43 3.39
C PRO A 114 14.69 -25.10 2.10
N LEU A 115 14.97 -26.13 1.32
CA LEU A 115 15.76 -26.03 0.09
C LEU A 115 15.29 -24.94 -0.88
N SER A 116 13.98 -24.91 -1.12
CA SER A 116 13.39 -23.97 -2.07
C SER A 116 13.61 -22.51 -1.66
N VAL A 117 13.57 -22.25 -0.36
CA VAL A 117 13.85 -20.91 0.16
C VAL A 117 15.33 -20.56 -0.08
N LYS A 118 16.21 -21.46 0.33
CA LYS A 118 17.65 -21.29 0.16
C LYS A 118 18.04 -21.00 -1.30
N GLY A 119 17.36 -21.66 -2.23
CA GLY A 119 17.58 -21.43 -3.65
C GLY A 119 17.19 -20.03 -4.10
N ARG A 120 16.04 -19.57 -3.62
CA ARG A 120 15.57 -18.23 -3.95
C ARG A 120 16.51 -17.17 -3.37
N ILE A 121 16.87 -17.35 -2.10
CA ILE A 121 17.82 -16.48 -1.43
C ILE A 121 19.05 -16.23 -2.30
N ILE A 122 19.62 -17.32 -2.81
CA ILE A 122 20.83 -17.26 -3.64
C ILE A 122 20.56 -16.48 -4.93
N LEU A 123 19.45 -16.78 -5.58
CA LEU A 123 19.06 -16.06 -6.79
C LEU A 123 18.93 -14.57 -6.50
N GLU A 124 18.36 -14.23 -5.34
CA GLU A 124 18.21 -12.83 -4.93
C GLU A 124 19.57 -12.17 -4.71
N ILE A 125 20.51 -12.92 -4.11
CA ILE A 125 21.87 -12.42 -3.91
C ILE A 125 22.57 -12.17 -5.25
N ILE A 126 22.34 -13.07 -6.21
CA ILE A 126 22.94 -12.95 -7.54
C ILE A 126 22.42 -11.72 -8.27
N GLU A 127 21.10 -11.51 -8.23
CA GLU A 127 20.49 -10.33 -8.86
C GLU A 127 21.07 -9.03 -8.31
N GLY A 128 21.07 -8.92 -6.99
CA GLY A 128 21.53 -7.71 -6.30
C GLY A 128 22.99 -7.39 -6.55
N MET A 129 23.83 -8.43 -6.63
CA MET A 129 25.22 -8.24 -6.97
C MET A 129 25.40 -7.86 -8.44
N ALA A 130 24.56 -8.42 -9.31
CA ALA A 130 24.59 -8.09 -10.73
C ALA A 130 24.19 -6.63 -11.00
N TYR A 131 23.22 -6.13 -10.24
CA TYR A 131 22.83 -4.72 -10.31
C TYR A 131 23.97 -3.79 -9.89
N LEU A 132 24.63 -4.14 -8.80
CA LEU A 132 25.74 -3.34 -8.26
C LEU A 132 26.92 -3.28 -9.22
N HIS A 133 27.21 -4.40 -9.88
CA HIS A 133 28.28 -4.46 -10.87
C HIS A 133 27.93 -3.70 -12.15
N GLY A 134 26.65 -3.62 -12.48
CA GLY A 134 26.17 -2.77 -13.56
C GLY A 134 26.39 -1.29 -13.26
N LYS A 135 26.16 -0.89 -12.02
CA LYS A 135 26.38 0.49 -11.58
C LYS A 135 27.85 0.80 -11.29
N GLY A 136 28.68 -0.23 -11.22
CA GLY A 136 30.13 -0.07 -11.05
C GLY A 136 30.62 -0.24 -9.62
N VAL A 137 29.70 -0.56 -8.71
CA VAL A 137 30.05 -0.74 -7.30
C VAL A 137 30.59 -2.15 -7.06
N ILE A 138 31.77 -2.23 -6.46
CA ILE A 138 32.35 -3.49 -6.03
C ILE A 138 32.20 -3.60 -4.52
N HIS A 139 31.47 -4.63 -4.07
CA HIS A 139 31.06 -4.74 -2.67
C HIS A 139 32.24 -4.70 -1.71
N LYS A 140 33.24 -5.54 -1.96
CA LYS A 140 34.49 -5.61 -1.16
C LYS A 140 34.38 -6.42 0.14
N ASP A 141 33.23 -6.39 0.80
CA ASP A 141 33.03 -7.19 2.02
C ASP A 141 31.70 -7.95 2.05
N LEU A 142 31.43 -8.70 0.99
CA LEU A 142 30.23 -9.55 0.94
C LEU A 142 30.36 -10.75 1.88
N LYS A 143 29.37 -10.91 2.76
CA LYS A 143 29.31 -12.06 3.66
C LYS A 143 27.89 -12.21 4.26
N PRO A 144 27.61 -13.31 4.98
CA PRO A 144 26.26 -13.51 5.53
C PRO A 144 25.78 -12.45 6.51
N GLU A 145 26.71 -11.80 7.21
CA GLU A 145 26.37 -10.67 8.07
C GLU A 145 25.80 -9.49 7.27
N ASN A 146 26.23 -9.36 6.01
CA ASN A 146 25.76 -8.31 5.11
C ASN A 146 24.64 -8.75 4.17
N ILE A 147 23.99 -9.87 4.49
CA ILE A 147 22.80 -10.32 3.76
C ILE A 147 21.66 -10.24 4.76
N LEU A 148 20.75 -9.29 4.53
CA LEU A 148 19.65 -9.05 5.46
C LEU A 148 18.38 -9.71 4.96
N VAL A 149 17.58 -10.21 5.89
CA VAL A 149 16.39 -11.00 5.56
C VAL A 149 15.13 -10.36 6.16
N ASP A 150 14.10 -10.19 5.35
CA ASP A 150 12.82 -9.66 5.83
C ASP A 150 11.90 -10.78 6.33
N ASN A 151 10.64 -10.45 6.62
CA ASN A 151 9.71 -11.40 7.26
C ASN A 151 9.34 -12.59 6.37
N ASP A 152 9.32 -12.39 5.05
CA ASP A 152 8.97 -13.44 4.09
C ASP A 152 10.21 -14.12 3.48
N PHE A 153 11.32 -14.09 4.22
CA PHE A 153 12.59 -14.71 3.81
C PHE A 153 13.19 -14.18 2.50
N HIS A 154 12.72 -13.04 2.00
CA HIS A 154 13.38 -12.35 0.90
C HIS A 154 14.59 -11.62 1.48
N ILE A 155 15.55 -11.28 0.64
CA ILE A 155 16.81 -10.72 1.14
C ILE A 155 17.19 -9.41 0.47
N LYS A 156 18.07 -8.67 1.15
CA LYS A 156 18.71 -7.49 0.60
C LYS A 156 20.19 -7.53 0.94
N ILE A 157 21.02 -7.07 0.01
CA ILE A 157 22.46 -6.96 0.24
C ILE A 157 22.76 -5.67 0.96
N ALA A 158 23.53 -5.77 2.05
CA ALA A 158 23.86 -4.64 2.90
C ALA A 158 25.37 -4.38 2.91
N ASP A 159 25.78 -3.36 3.64
CA ASP A 159 27.20 -3.04 3.85
C ASP A 159 27.36 -2.39 5.21
N LEU A 160 27.24 -3.19 6.26
CA LEU A 160 27.21 -2.72 7.64
C LEU A 160 28.55 -2.19 8.13
N GLY A 161 29.63 -2.54 7.44
CA GLY A 161 30.97 -2.07 7.79
C GLY A 161 31.49 -0.95 6.89
N LEU A 162 30.61 -0.43 6.02
CA LEU A 162 30.92 0.74 5.19
C LEU A 162 32.10 0.55 4.23
N ALA A 163 32.33 -0.69 3.80
CA ALA A 163 33.49 -1.01 2.97
C ALA A 163 33.49 -0.33 1.60
N SER A 164 32.30 -0.03 1.08
CA SER A 164 32.16 0.59 -0.23
C SER A 164 32.03 2.12 -0.16
N PHE A 165 32.16 2.68 1.04
CA PHE A 165 31.89 4.11 1.26
C PHE A 165 33.09 4.81 1.89
N LYS A 166 34.09 5.08 1.05
CA LYS A 166 35.32 5.76 1.43
C LYS A 166 35.15 6.73 2.60
N MET A 167 34.33 7.75 2.39
CA MET A 167 34.27 8.90 3.28
C MET A 167 33.64 8.58 4.64
N TRP A 168 32.55 7.81 4.63
CA TRP A 168 31.86 7.45 5.86
C TRP A 168 32.63 6.43 6.70
N SER A 169 33.42 5.57 6.05
CA SER A 169 34.27 4.62 6.76
C SER A 169 35.42 5.34 7.48
N LYS A 170 36.04 6.30 6.81
CA LYS A 170 37.05 7.15 7.44
C LYS A 170 36.45 7.91 8.62
N LEU A 171 35.23 8.41 8.43
CA LEU A 171 34.47 9.07 9.50
C LEU A 171 34.26 8.13 10.69
N ASN A 172 33.97 6.86 10.40
CA ASN A 172 33.85 5.84 11.45
C ASN A 172 35.18 5.56 12.14
N ASN A 173 36.26 5.51 11.34
CA ASN A 173 37.61 5.26 11.86
C ASN A 173 38.38 6.52 12.25
N GLU A 174 37.67 7.57 12.65
CA GLU A 174 38.32 8.85 12.99
C GLU A 174 39.07 8.79 14.32
N GLU A 175 40.04 9.69 14.45
CA GLU A 175 40.81 9.87 15.68
C GLU A 175 39.88 10.29 16.83
N HIS A 176 38.94 11.19 16.53
CA HIS A 176 38.11 11.82 17.55
C HIS A 176 36.84 11.03 17.93
N ASN A 177 36.57 9.92 17.24
CA ASN A 177 35.36 9.12 17.50
C ASN A 177 35.41 8.41 18.85
N GLY A 191 37.28 -7.16 10.44
CA GLY A 191 36.23 -8.10 10.08
C GLY A 191 36.71 -9.53 9.97
N THR A 192 35.96 -10.37 9.26
CA THR A 192 36.28 -11.79 9.09
C THR A 192 36.78 -12.04 7.67
N LEU A 193 37.95 -12.66 7.57
CA LEU A 193 38.63 -12.83 6.28
C LEU A 193 38.24 -14.10 5.51
N TYR A 194 37.25 -14.85 6.00
CA TYR A 194 36.88 -16.13 5.40
C TYR A 194 36.24 -16.00 4.01
N TYR A 195 35.79 -14.80 3.66
CA TYR A 195 35.10 -14.57 2.40
C TYR A 195 35.96 -13.76 1.43
N MET A 196 37.20 -13.51 1.82
CA MET A 196 38.12 -12.70 1.01
C MET A 196 38.88 -13.56 0.01
N ALA A 197 38.98 -13.06 -1.21
CA ALA A 197 39.72 -13.75 -2.27
C ALA A 197 41.21 -13.78 -1.92
N PRO A 198 41.90 -14.89 -2.23
CA PRO A 198 43.30 -15.08 -1.82
C PRO A 198 44.29 -14.09 -2.41
N GLU A 199 43.94 -13.45 -3.53
CA GLU A 199 44.75 -12.37 -4.09
C GLU A 199 44.77 -11.10 -3.23
N HIS A 200 43.80 -10.97 -2.32
CA HIS A 200 43.77 -9.86 -1.36
C HIS A 200 44.41 -10.22 -0.02
N LEU A 201 44.44 -11.50 0.30
CA LEU A 201 45.11 -11.96 1.52
C LEU A 201 46.60 -11.69 1.42
N ASN A 202 47.14 -10.99 2.43
CA ASN A 202 48.55 -10.60 2.48
C ASN A 202 49.07 -9.76 1.30
N ASP A 203 48.18 -9.33 0.40
CA ASP A 203 48.50 -8.34 -0.63
C ASP A 203 47.41 -7.29 -0.60
N VAL A 204 47.66 -6.25 0.18
CA VAL A 204 46.68 -5.22 0.49
C VAL A 204 46.58 -4.17 -0.63
N ASN A 205 47.63 -4.06 -1.44
CA ASN A 205 47.72 -3.03 -2.49
C ASN A 205 47.06 -3.41 -3.83
N ALA A 206 46.61 -4.65 -3.96
CA ALA A 206 45.93 -5.11 -5.18
C ALA A 206 44.49 -4.59 -5.23
N LYS A 207 44.10 -4.05 -6.39
CA LYS A 207 42.75 -3.48 -6.57
C LYS A 207 41.68 -4.56 -6.63
N PRO A 208 40.66 -4.47 -5.75
CA PRO A 208 39.54 -5.40 -5.84
C PRO A 208 38.82 -5.28 -7.17
N THR A 209 38.53 -6.42 -7.78
CA THR A 209 37.81 -6.49 -9.05
C THR A 209 36.44 -7.10 -8.80
N GLU A 210 35.64 -7.19 -9.86
CA GLU A 210 34.32 -7.83 -9.80
C GLU A 210 34.41 -9.30 -9.40
N LYS A 211 35.52 -9.96 -9.74
CA LYS A 211 35.76 -11.35 -9.38
C LYS A 211 36.08 -11.57 -7.89
N SER A 212 36.43 -10.51 -7.18
CA SER A 212 36.65 -10.57 -5.73
C SER A 212 35.37 -10.91 -4.99
N ASP A 213 34.27 -10.29 -5.42
CA ASP A 213 32.94 -10.56 -4.87
C ASP A 213 32.48 -11.98 -5.22
N VAL A 214 32.85 -12.43 -6.42
CA VAL A 214 32.47 -13.77 -6.87
C VAL A 214 33.07 -14.83 -5.95
N TYR A 215 34.31 -14.62 -5.50
CA TYR A 215 34.91 -15.51 -4.51
C TYR A 215 34.08 -15.52 -3.22
N SER A 216 33.77 -14.33 -2.70
CA SER A 216 32.99 -14.20 -1.47
C SER A 216 31.65 -14.91 -1.60
N PHE A 217 31.01 -14.72 -2.75
CA PHE A 217 29.74 -15.38 -3.06
C PHE A 217 29.84 -16.91 -2.93
N ALA A 218 30.95 -17.48 -3.39
CA ALA A 218 31.19 -18.92 -3.26
C ALA A 218 31.13 -19.39 -1.81
N VAL A 219 31.78 -18.64 -0.93
CA VAL A 219 31.86 -19.04 0.48
C VAL A 219 30.51 -18.81 1.16
N VAL A 220 29.73 -17.86 0.66
CA VAL A 220 28.35 -17.68 1.13
C VAL A 220 27.51 -18.90 0.77
N LEU A 221 27.67 -19.39 -0.46
CA LEU A 221 26.98 -20.60 -0.89
C LEU A 221 27.26 -21.78 0.03
N TRP A 222 28.52 -21.90 0.46
CA TRP A 222 28.90 -22.93 1.41
C TRP A 222 28.14 -22.74 2.73
N ALA A 223 28.27 -21.54 3.28
CA ALA A 223 27.63 -21.19 4.56
C ALA A 223 26.14 -21.48 4.56
N ILE A 224 25.47 -21.19 3.44
CA ILE A 224 24.04 -21.41 3.30
C ILE A 224 23.68 -22.88 3.55
N PHE A 225 24.34 -23.79 2.86
CA PHE A 225 24.04 -25.23 2.98
C PHE A 225 24.73 -25.91 4.16
N ALA A 226 25.82 -25.31 4.64
CA ALA A 226 26.48 -25.78 5.87
C ALA A 226 25.80 -25.26 7.13
N ASN A 227 25.04 -24.16 7.00
CA ASN A 227 24.35 -23.54 8.14
C ASN A 227 25.28 -23.05 9.23
N LYS A 228 26.48 -22.61 8.85
CA LYS A 228 27.45 -22.09 9.78
C LYS A 228 28.58 -21.35 9.06
N GLU A 229 29.38 -20.62 9.84
CA GLU A 229 30.56 -19.94 9.31
C GLU A 229 31.66 -20.98 9.03
N PRO A 230 32.45 -20.77 7.96
CA PRO A 230 33.45 -21.74 7.54
C PRO A 230 34.70 -21.79 8.42
N TYR A 231 35.51 -22.82 8.17
CA TYR A 231 36.78 -23.05 8.88
C TYR A 231 36.59 -23.24 10.38
N GLU A 232 35.53 -23.96 10.75
CA GLU A 232 35.17 -24.23 12.14
C GLU A 232 35.13 -22.96 12.99
N ASN A 233 34.86 -21.83 12.34
CA ASN A 233 34.96 -20.52 12.97
C ASN A 233 36.24 -20.39 13.81
N ALA A 234 37.35 -20.78 13.22
CA ALA A 234 38.65 -20.77 13.90
C ALA A 234 39.31 -19.40 13.81
N ILE A 235 40.27 -19.14 14.69
CA ILE A 235 40.97 -17.85 14.74
C ILE A 235 41.65 -17.53 13.40
N ALA A 236 41.57 -16.25 13.01
CA ALA A 236 42.12 -15.77 11.74
C ALA A 236 43.64 -15.66 11.80
N GLU A 237 44.31 -16.79 11.65
CA GLU A 237 45.77 -16.90 11.81
C GLU A 237 46.51 -16.62 10.51
N GLN A 238 47.83 -16.50 10.61
CA GLN A 238 48.69 -16.49 9.42
C GLN A 238 48.67 -17.88 8.79
N GLN A 239 48.54 -18.91 9.62
CA GLN A 239 48.42 -20.29 9.16
C GLN A 239 47.27 -20.46 8.17
N LEU A 240 46.08 -20.05 8.57
CA LEU A 240 44.87 -20.18 7.75
C LEU A 240 44.95 -19.34 6.49
N ILE A 241 45.54 -18.16 6.58
CA ILE A 241 45.69 -17.27 5.42
C ILE A 241 46.56 -17.92 4.34
N MET A 242 47.71 -18.46 4.74
CA MET A 242 48.61 -19.13 3.81
C MET A 242 48.00 -20.43 3.28
N ALA A 243 47.21 -21.11 4.10
CA ALA A 243 46.50 -22.32 3.68
C ALA A 243 45.52 -22.01 2.55
N ILE A 244 44.80 -20.90 2.68
CA ILE A 244 43.82 -20.50 1.67
C ILE A 244 44.51 -20.00 0.40
N LYS A 245 45.57 -19.21 0.55
CA LYS A 245 46.38 -18.77 -0.59
C LYS A 245 46.96 -19.94 -1.38
N SER A 246 47.28 -21.03 -0.68
CA SER A 246 47.79 -22.25 -1.31
C SER A 246 46.70 -23.14 -1.91
N GLY A 247 45.44 -22.79 -1.70
CA GLY A 247 44.32 -23.45 -2.38
C GLY A 247 43.30 -24.16 -1.50
N ASN A 248 43.48 -24.13 -0.18
CA ASN A 248 42.51 -24.72 0.74
C ASN A 248 41.20 -23.93 0.73
N ARG A 249 40.09 -24.64 0.91
CA ARG A 249 38.75 -24.06 0.88
C ARG A 249 37.92 -24.64 2.03
N PRO A 250 36.69 -24.13 2.23
CA PRO A 250 35.83 -24.72 3.27
C PRO A 250 35.49 -26.20 2.99
N ASP A 251 35.44 -26.99 4.06
CA ASP A 251 35.20 -28.42 3.94
C ASP A 251 33.81 -28.72 3.38
N VAL A 252 33.77 -29.13 2.12
CA VAL A 252 32.50 -29.50 1.46
C VAL A 252 31.84 -30.70 2.14
N ASP A 253 32.64 -31.58 2.73
CA ASP A 253 32.13 -32.72 3.50
C ASP A 253 31.33 -32.29 4.73
N ASP A 254 31.60 -31.08 5.22
CA ASP A 254 30.88 -30.53 6.37
C ASP A 254 29.42 -30.18 6.05
N ILE A 255 29.10 -29.98 4.77
CA ILE A 255 27.71 -29.84 4.35
C ILE A 255 27.03 -31.21 4.45
N THR A 256 26.31 -31.44 5.56
CA THR A 256 25.70 -32.74 5.82
C THR A 256 24.28 -32.87 5.25
N GLU A 257 23.56 -31.76 5.12
CA GLU A 257 22.24 -31.78 4.48
C GLU A 257 22.38 -31.84 2.96
N TYR A 258 21.28 -32.17 2.28
CA TYR A 258 21.27 -32.26 0.83
C TYR A 258 21.60 -30.92 0.19
N CYS A 259 22.48 -30.95 -0.81
CA CYS A 259 22.83 -29.77 -1.57
C CYS A 259 22.91 -30.13 -3.06
N PRO A 260 22.10 -29.45 -3.91
CA PRO A 260 22.14 -29.70 -5.35
C PRO A 260 23.56 -29.65 -5.93
N ARG A 261 23.85 -30.54 -6.87
CA ARG A 261 25.16 -30.60 -7.52
C ARG A 261 25.46 -29.32 -8.30
N GLU A 262 24.44 -28.70 -8.86
CA GLU A 262 24.61 -27.46 -9.61
C GLU A 262 25.16 -26.36 -8.71
N ILE A 263 24.76 -26.37 -7.44
CA ILE A 263 25.22 -25.39 -6.45
C ILE A 263 26.63 -25.73 -5.95
N ILE A 264 26.92 -27.02 -5.79
CA ILE A 264 28.28 -27.46 -5.42
C ILE A 264 29.26 -27.12 -6.53
N SER A 265 28.84 -27.33 -7.77
CA SER A 265 29.65 -26.97 -8.94
C SER A 265 29.91 -25.47 -8.99
N LEU A 266 28.89 -24.67 -8.71
CA LEU A 266 28.99 -23.21 -8.78
C LEU A 266 29.94 -22.63 -7.72
N MET A 267 29.87 -23.12 -6.49
CA MET A 267 30.73 -22.61 -5.42
C MET A 267 32.20 -22.99 -5.67
N LYS A 268 32.44 -24.18 -6.18
CA LYS A 268 33.80 -24.59 -6.56
C LYS A 268 34.32 -23.77 -7.73
N LEU A 269 33.44 -23.42 -8.67
CA LEU A 269 33.81 -22.60 -9.81
C LEU A 269 34.17 -21.19 -9.36
N CYS A 270 33.39 -20.67 -8.42
CA CYS A 270 33.51 -19.29 -7.99
C CYS A 270 34.61 -19.04 -6.95
N TRP A 271 35.09 -20.08 -6.26
CA TRP A 271 36.26 -19.91 -5.39
C TRP A 271 37.57 -20.42 -5.99
N GLU A 272 37.63 -20.51 -7.32
CA GLU A 272 38.89 -20.78 -8.02
C GLU A 272 39.92 -19.73 -7.68
N ALA A 273 41.16 -20.17 -7.47
CA ALA A 273 42.27 -19.26 -7.13
C ALA A 273 42.49 -18.20 -8.19
N ASN A 274 42.50 -18.62 -9.45
CA ASN A 274 42.62 -17.71 -10.59
C ASN A 274 41.31 -16.97 -10.84
N PRO A 275 41.31 -15.63 -10.70
CA PRO A 275 40.07 -14.86 -10.89
C PRO A 275 39.45 -14.97 -12.28
N GLU A 276 40.27 -15.15 -13.32
CA GLU A 276 39.75 -15.33 -14.68
C GLU A 276 38.87 -16.58 -14.81
N ALA A 277 39.17 -17.61 -14.03
CA ALA A 277 38.39 -18.85 -14.02
C ALA A 277 36.99 -18.64 -13.40
N ARG A 278 36.87 -17.68 -12.50
CA ARG A 278 35.59 -17.37 -11.88
C ARG A 278 34.70 -16.69 -12.91
N PRO A 279 33.38 -16.96 -12.89
CA PRO A 279 32.48 -16.33 -13.83
C PRO A 279 32.03 -14.95 -13.36
N THR A 280 31.18 -14.30 -14.15
CA THR A 280 30.58 -13.02 -13.78
C THR A 280 29.15 -13.26 -13.28
N PHE A 281 28.67 -12.35 -12.45
CA PHE A 281 27.31 -12.43 -11.88
C PHE A 281 26.18 -12.44 -12.93
N PRO A 282 26.33 -11.66 -14.02
CA PRO A 282 25.42 -11.85 -15.15
C PRO A 282 25.50 -13.28 -15.71
N GLY A 283 26.71 -13.81 -15.84
CA GLY A 283 26.92 -15.20 -16.26
C GLY A 283 26.29 -16.21 -15.31
N ILE A 284 26.47 -15.97 -14.01
CA ILE A 284 25.88 -16.84 -12.99
C ILE A 284 24.35 -16.87 -13.09
N GLU A 285 23.75 -15.68 -13.20
CA GLU A 285 22.28 -15.55 -13.23
C GLU A 285 21.65 -16.32 -14.39
N GLU A 286 22.33 -16.35 -15.54
CA GLU A 286 21.82 -17.05 -16.72
C GLU A 286 21.75 -18.57 -16.54
N LYS A 287 22.69 -19.14 -15.78
CA LYS A 287 22.63 -20.55 -15.39
C LYS A 287 21.53 -20.77 -14.37
N PHE A 288 21.53 -19.92 -13.34
CA PHE A 288 20.84 -20.21 -12.09
C PHE A 288 19.34 -19.90 -12.10
N ARG A 289 18.94 -18.84 -12.79
CA ARG A 289 17.52 -18.47 -12.87
C ARG A 289 16.71 -19.60 -13.51
N PRO A 290 17.09 -20.06 -14.72
CA PRO A 290 16.42 -21.24 -15.28
C PRO A 290 16.47 -22.47 -14.37
N PHE A 291 17.61 -22.68 -13.71
CA PHE A 291 17.80 -23.80 -12.79
C PHE A 291 16.85 -23.73 -11.59
N TYR A 292 16.81 -22.59 -10.90
CA TYR A 292 15.97 -22.42 -9.72
C TYR A 292 14.50 -22.72 -10.00
N LEU A 293 14.00 -22.15 -11.10
CA LEU A 293 12.58 -22.23 -11.47
C LEU A 293 12.11 -23.68 -11.68
N SER A 294 12.96 -24.50 -12.29
CA SER A 294 12.62 -25.89 -12.60
C SER A 294 12.91 -26.83 -11.44
N GLN A 295 14.16 -26.83 -10.99
CA GLN A 295 14.62 -27.78 -9.98
C GLN A 295 14.14 -27.47 -8.56
N LEU A 296 14.34 -26.23 -8.13
CA LEU A 296 14.17 -25.87 -6.71
C LEU A 296 12.78 -25.31 -6.35
N GLU A 297 12.25 -24.41 -7.16
CA GLU A 297 10.92 -23.87 -6.92
C GLU A 297 9.85 -24.89 -7.30
N LEU B 10 31.19 -16.93 -29.99
CA LEU B 10 29.95 -16.09 -30.12
C LEU B 10 29.86 -15.30 -31.44
N ASN B 11 31.02 -15.00 -32.05
CA ASN B 11 31.09 -14.26 -33.31
C ASN B 11 30.41 -14.95 -34.49
N VAL B 12 30.33 -14.26 -35.63
CA VAL B 12 29.75 -14.80 -36.86
C VAL B 12 30.68 -15.84 -37.45
N ILE B 13 30.41 -17.11 -37.13
CA ILE B 13 31.20 -18.20 -37.70
C ILE B 13 30.69 -18.38 -39.14
N LYS B 14 31.60 -18.24 -40.10
CA LYS B 14 31.29 -18.48 -41.50
C LYS B 14 31.38 -19.98 -41.77
N MET B 15 30.34 -20.52 -42.41
CA MET B 15 30.19 -21.96 -42.55
C MET B 15 30.25 -22.44 -44.00
N LYS B 16 30.53 -23.72 -44.16
CA LYS B 16 30.55 -24.38 -45.46
C LYS B 16 29.45 -25.43 -45.47
N SER B 17 29.02 -25.83 -46.66
CA SER B 17 28.02 -26.89 -46.79
C SER B 17 28.49 -28.19 -46.15
N SER B 18 29.78 -28.48 -46.30
CA SER B 18 30.40 -29.68 -45.74
C SER B 18 30.37 -29.76 -44.21
N ASP B 19 30.16 -28.63 -43.53
CA ASP B 19 29.96 -28.62 -42.07
C ASP B 19 28.63 -29.24 -41.64
N PHE B 20 27.71 -29.41 -42.59
CA PHE B 20 26.41 -30.03 -42.32
C PHE B 20 26.32 -31.43 -42.92
N LEU B 21 25.62 -32.32 -42.21
CA LEU B 21 25.45 -33.70 -42.67
C LEU B 21 24.50 -33.76 -43.85
N GLU B 22 23.26 -33.35 -43.63
CA GLU B 22 22.23 -33.34 -44.66
C GLU B 22 21.03 -32.49 -44.24
N SER B 23 20.16 -32.18 -45.20
CA SER B 23 18.93 -31.43 -44.93
C SER B 23 17.89 -31.65 -46.03
N ALA B 24 16.68 -31.15 -45.80
CA ALA B 24 15.60 -31.20 -46.79
C ALA B 24 14.49 -30.21 -46.44
N GLU B 25 13.58 -29.98 -47.39
CA GLU B 25 12.50 -29.01 -47.22
C GLU B 25 11.46 -29.49 -46.20
N LEU B 26 10.99 -28.57 -45.38
CA LEU B 26 9.92 -28.84 -44.41
C LEU B 26 8.55 -28.74 -45.08
N LYS B 33 12.31 -22.60 -48.97
CA LYS B 33 13.74 -22.93 -48.89
C LYS B 33 14.29 -22.94 -47.46
N VAL B 34 13.42 -23.14 -46.48
CA VAL B 34 13.84 -23.30 -45.09
C VAL B 34 14.05 -24.79 -44.83
N SER B 35 15.14 -25.12 -44.14
CA SER B 35 15.57 -26.50 -43.99
C SER B 35 16.07 -26.77 -42.58
N LEU B 36 15.74 -27.94 -42.05
CA LEU B 36 16.31 -28.41 -40.78
C LEU B 36 17.68 -29.02 -41.10
N ALA B 37 18.72 -28.56 -40.40
CA ALA B 37 20.10 -28.91 -40.73
C ALA B 37 20.86 -29.38 -39.50
N PHE B 38 21.67 -30.43 -39.65
CA PHE B 38 22.47 -30.96 -38.56
C PHE B 38 23.95 -30.65 -38.80
N HIS B 39 24.47 -29.70 -38.03
CA HIS B 39 25.89 -29.34 -38.09
C HIS B 39 26.72 -30.44 -37.43
N ARG B 40 27.94 -30.63 -37.92
CA ARG B 40 28.78 -31.77 -37.53
C ARG B 40 29.03 -31.86 -36.02
N THR B 41 29.41 -30.73 -35.42
CA THR B 41 29.69 -30.64 -33.98
C THR B 41 28.65 -29.81 -33.20
N GLN B 42 28.43 -28.59 -33.66
CA GLN B 42 27.51 -27.63 -33.02
C GLN B 42 26.06 -28.13 -32.91
N GLY B 43 25.66 -29.07 -33.77
CA GLY B 43 24.36 -29.72 -33.64
C GLY B 43 23.26 -29.20 -34.56
N LEU B 44 22.06 -29.03 -34.01
CA LEU B 44 20.83 -28.87 -34.79
C LEU B 44 20.47 -27.41 -35.06
N MET B 45 20.20 -27.09 -36.34
CA MET B 45 19.97 -25.72 -36.77
C MET B 45 18.90 -25.61 -37.86
N ILE B 46 18.23 -24.46 -37.90
CA ILE B 46 17.37 -24.07 -39.03
C ILE B 46 18.22 -23.29 -40.01
N MET B 47 17.96 -23.48 -41.30
CA MET B 47 18.72 -22.82 -42.36
C MET B 47 17.78 -22.18 -43.38
N LYS B 48 18.18 -21.03 -43.92
CA LYS B 48 17.44 -20.36 -44.98
C LYS B 48 18.41 -20.12 -46.13
N THR B 49 18.21 -20.83 -47.23
CA THR B 49 19.15 -20.82 -48.34
C THR B 49 18.50 -20.29 -49.62
N VAL B 50 19.25 -19.44 -50.34
CA VAL B 50 18.86 -18.96 -51.66
C VAL B 50 19.86 -19.51 -52.66
N TYR B 51 19.40 -20.39 -53.54
CA TYR B 51 20.23 -20.92 -54.61
C TYR B 51 20.05 -20.01 -55.82
N LYS B 52 21.15 -19.37 -56.22
CA LYS B 52 21.10 -18.29 -57.21
C LYS B 52 22.30 -18.40 -58.14
N GLY B 53 22.23 -17.72 -59.29
CA GLY B 53 23.39 -17.57 -60.17
C GLY B 53 24.51 -16.86 -59.43
N PRO B 54 25.75 -17.36 -59.56
CA PRO B 54 26.92 -16.87 -58.81
C PRO B 54 26.99 -15.36 -58.58
N ASN B 55 27.20 -14.96 -57.32
CA ASN B 55 27.37 -13.56 -56.95
C ASN B 55 28.77 -13.05 -57.29
N CYS B 56 28.89 -11.73 -57.40
CA CYS B 56 30.20 -11.08 -57.42
C CYS B 56 30.71 -11.04 -55.99
N ILE B 57 32.02 -10.98 -55.82
CA ILE B 57 32.62 -11.17 -54.50
C ILE B 57 32.51 -9.93 -53.59
N GLU B 58 32.45 -8.74 -54.18
CA GLU B 58 32.22 -7.53 -53.39
C GLU B 58 30.85 -7.57 -52.74
N HIS B 59 29.85 -8.04 -53.49
CA HIS B 59 28.50 -8.20 -52.98
C HIS B 59 28.41 -9.27 -51.88
N ASN B 60 29.24 -10.31 -51.99
CA ASN B 60 29.38 -11.30 -50.91
C ASN B 60 29.94 -10.67 -49.64
N GLU B 61 30.93 -9.81 -49.79
CA GLU B 61 31.53 -9.11 -48.65
C GLU B 61 30.55 -8.19 -47.95
N ALA B 62 29.66 -7.57 -48.72
CA ALA B 62 28.57 -6.75 -48.17
C ALA B 62 27.62 -7.62 -47.34
N LEU B 63 27.29 -8.80 -47.87
CA LEU B 63 26.42 -9.76 -47.18
C LEU B 63 27.04 -10.29 -45.89
N LEU B 64 28.35 -10.55 -45.93
CA LEU B 64 29.09 -11.01 -44.75
C LEU B 64 29.14 -9.91 -43.68
N GLU B 65 29.35 -8.66 -44.12
CA GLU B 65 29.33 -7.52 -43.21
C GLU B 65 27.96 -7.28 -42.60
N GLU B 66 26.91 -7.37 -43.42
CA GLU B 66 25.54 -7.24 -42.93
C GLU B 66 25.27 -8.25 -41.83
N ALA B 67 25.63 -9.50 -42.07
CA ALA B 67 25.52 -10.56 -41.05
C ALA B 67 26.26 -10.17 -39.77
N LYS B 68 27.46 -9.62 -39.94
CA LYS B 68 28.32 -9.20 -38.84
C LYS B 68 27.72 -8.04 -38.07
N MET B 69 27.11 -7.11 -38.80
CA MET B 69 26.41 -5.97 -38.18
C MET B 69 25.26 -6.44 -37.33
N MET B 70 24.44 -7.33 -37.87
CA MET B 70 23.25 -7.82 -37.17
C MET B 70 23.57 -8.82 -36.07
N ASN B 71 24.78 -9.35 -36.07
CA ASN B 71 25.22 -10.29 -35.05
C ASN B 71 25.56 -9.64 -33.70
N ARG B 72 25.74 -8.32 -33.68
CA ARG B 72 25.99 -7.59 -32.43
C ARG B 72 24.80 -7.63 -31.48
N LEU B 73 23.60 -7.88 -32.00
CA LEU B 73 22.40 -7.94 -31.17
C LEU B 73 22.31 -9.28 -30.45
N ARG B 74 22.88 -9.32 -29.25
CA ARG B 74 22.91 -10.52 -28.43
C ARG B 74 22.08 -10.35 -27.17
N HIS B 75 21.05 -11.19 -27.04
CA HIS B 75 20.17 -11.17 -25.88
C HIS B 75 19.52 -12.55 -25.80
N SER B 76 19.30 -13.04 -24.59
CA SER B 76 18.68 -14.36 -24.37
C SER B 76 17.32 -14.50 -25.04
N ARG B 77 16.62 -13.38 -25.19
CA ARG B 77 15.30 -13.32 -25.85
C ARG B 77 15.34 -12.81 -27.30
N VAL B 78 16.52 -12.78 -27.91
CA VAL B 78 16.64 -12.39 -29.32
C VAL B 78 17.34 -13.52 -30.07
N VAL B 79 16.80 -13.87 -31.24
CA VAL B 79 17.35 -14.95 -32.04
C VAL B 79 18.77 -14.61 -32.47
N LYS B 80 19.69 -15.56 -32.28
CA LYS B 80 21.09 -15.37 -32.65
C LYS B 80 21.36 -15.97 -34.02
N LEU B 81 21.99 -15.19 -34.89
CA LEU B 81 22.50 -15.68 -36.17
C LEU B 81 23.76 -16.50 -35.89
N LEU B 82 23.61 -17.83 -35.95
CA LEU B 82 24.71 -18.76 -35.62
C LEU B 82 25.82 -18.72 -36.66
N GLY B 83 25.45 -18.69 -37.94
CA GLY B 83 26.44 -18.58 -39.00
C GLY B 83 25.82 -18.33 -40.36
N VAL B 84 26.68 -18.27 -41.38
CA VAL B 84 26.26 -18.06 -42.76
C VAL B 84 27.08 -18.91 -43.75
N ILE B 85 26.45 -19.29 -44.85
CA ILE B 85 27.12 -19.94 -45.95
C ILE B 85 27.12 -18.99 -47.15
N ILE B 86 28.31 -18.71 -47.67
CA ILE B 86 28.45 -17.96 -48.91
C ILE B 86 29.35 -18.77 -49.82
N GLU B 87 28.75 -19.37 -50.85
CA GLU B 87 29.45 -20.23 -51.78
C GLU B 87 28.98 -19.93 -53.20
N GLU B 88 29.64 -20.55 -54.18
CA GLU B 88 29.37 -20.31 -55.61
C GLU B 88 27.97 -19.76 -55.88
N GLY B 89 26.94 -20.56 -55.62
CA GLY B 89 25.56 -20.12 -55.82
C GLY B 89 24.61 -20.59 -54.73
N LYS B 90 25.06 -20.45 -53.47
CA LYS B 90 24.31 -20.92 -52.32
C LYS B 90 24.56 -19.99 -51.14
N TYR B 91 23.53 -19.25 -50.75
CA TYR B 91 23.67 -18.17 -49.76
C TYR B 91 22.69 -18.38 -48.61
N SER B 92 23.22 -18.77 -47.45
CA SER B 92 22.40 -19.20 -46.33
C SER B 92 22.60 -18.37 -45.07
N LEU B 93 21.52 -18.14 -44.35
CA LEU B 93 21.56 -17.70 -42.96
C LEU B 93 21.21 -18.93 -42.14
N VAL B 94 21.85 -19.06 -40.98
CA VAL B 94 21.65 -20.22 -40.11
C VAL B 94 21.39 -19.75 -38.69
N MET B 95 20.28 -20.18 -38.11
CA MET B 95 19.89 -19.78 -36.76
C MET B 95 19.60 -21.00 -35.91
N GLU B 96 19.47 -20.76 -34.62
CA GLU B 96 19.20 -21.82 -33.66
C GLU B 96 17.80 -22.40 -33.88
N TYR B 97 17.69 -23.71 -33.65
CA TYR B 97 16.43 -24.41 -33.81
C TYR B 97 15.51 -24.13 -32.62
N MET B 98 14.38 -23.49 -32.89
CA MET B 98 13.35 -23.25 -31.87
C MET B 98 12.26 -24.31 -32.05
N GLU B 99 12.12 -25.17 -31.04
CA GLU B 99 11.44 -26.46 -31.19
C GLU B 99 9.94 -26.35 -31.43
N LYS B 100 9.25 -25.58 -30.59
CA LYS B 100 7.78 -25.48 -30.63
C LYS B 100 7.22 -24.54 -31.70
N GLY B 101 8.10 -23.86 -32.43
CA GLY B 101 7.68 -23.02 -33.55
C GLY B 101 7.32 -21.61 -33.10
N ASN B 102 6.48 -20.93 -33.89
CA ASN B 102 6.07 -19.57 -33.60
C ASN B 102 4.95 -19.50 -32.57
N LEU B 103 4.77 -18.32 -31.98
CA LEU B 103 3.88 -18.14 -30.83
C LEU B 103 2.42 -18.52 -31.09
N MET B 104 1.94 -18.31 -32.32
CA MET B 104 0.55 -18.61 -32.66
C MET B 104 0.28 -20.11 -32.72
N HIS B 105 1.24 -20.86 -33.24
CA HIS B 105 1.18 -22.32 -33.28
C HIS B 105 1.01 -22.91 -31.89
N VAL B 106 1.72 -22.35 -30.92
CA VAL B 106 1.69 -22.80 -29.54
C VAL B 106 0.37 -22.39 -28.87
N LEU B 107 -0.09 -21.18 -29.16
CA LEU B 107 -1.37 -20.66 -28.65
C LEU B 107 -2.56 -21.52 -29.09
N LYS B 108 -2.58 -21.91 -30.36
CA LYS B 108 -3.60 -22.81 -30.87
C LYS B 108 -3.19 -24.26 -30.63
N ALA B 109 -3.34 -24.70 -29.38
CA ALA B 109 -2.93 -26.05 -28.98
C ALA B 109 -3.82 -26.61 -27.89
N GLU B 110 -4.05 -27.92 -27.96
CA GLU B 110 -4.87 -28.64 -26.97
C GLU B 110 -4.18 -28.67 -25.60
N MET B 111 -2.85 -28.53 -25.61
CA MET B 111 -2.10 -28.24 -24.40
C MET B 111 -2.22 -26.72 -24.17
N SER B 112 -3.05 -26.34 -23.19
CA SER B 112 -3.25 -24.93 -22.86
C SER B 112 -2.16 -24.44 -21.91
N THR B 113 -1.34 -23.50 -22.39
CA THR B 113 -0.26 -22.91 -21.59
C THR B 113 -0.86 -21.99 -20.52
N PRO B 114 -0.56 -22.24 -19.23
CA PRO B 114 -1.21 -21.52 -18.13
C PRO B 114 -0.85 -20.03 -18.03
N LEU B 115 -1.44 -19.34 -17.06
CA LEU B 115 -1.28 -17.90 -16.92
C LEU B 115 0.14 -17.45 -16.56
N SER B 116 0.82 -18.24 -15.72
CA SER B 116 2.20 -17.94 -15.34
C SER B 116 3.13 -18.02 -16.55
N VAL B 117 2.87 -19.00 -17.41
CA VAL B 117 3.64 -19.17 -18.65
C VAL B 117 3.39 -18.01 -19.61
N LYS B 118 2.12 -17.63 -19.76
CA LYS B 118 1.75 -16.52 -20.64
C LYS B 118 2.31 -15.18 -20.14
N GLY B 119 2.24 -14.96 -18.83
CA GLY B 119 2.84 -13.78 -18.21
C GLY B 119 4.34 -13.71 -18.45
N ARG B 120 5.01 -14.86 -18.38
CA ARG B 120 6.45 -14.93 -18.59
C ARG B 120 6.85 -14.64 -20.04
N ILE B 121 6.11 -15.22 -20.98
CA ILE B 121 6.30 -14.96 -22.41
C ILE B 121 6.23 -13.46 -22.69
N ILE B 122 5.20 -12.83 -22.15
CA ILE B 122 4.96 -11.39 -22.32
C ILE B 122 6.14 -10.60 -21.78
N LEU B 123 6.57 -10.92 -20.56
CA LEU B 123 7.74 -10.27 -19.95
C LEU B 123 8.96 -10.45 -20.84
N GLU B 124 9.18 -11.67 -21.31
CA GLU B 124 10.31 -11.97 -22.19
C GLU B 124 10.26 -11.18 -23.50
N ILE B 125 9.07 -11.04 -24.07
CA ILE B 125 8.88 -10.23 -25.29
C ILE B 125 9.25 -8.76 -25.03
N ILE B 126 8.87 -8.26 -23.86
CA ILE B 126 9.19 -6.89 -23.45
C ILE B 126 10.71 -6.72 -23.29
N GLU B 127 11.32 -7.63 -22.55
CA GLU B 127 12.79 -7.64 -22.35
C GLU B 127 13.53 -7.60 -23.69
N GLY B 128 13.11 -8.44 -24.63
CA GLY B 128 13.73 -8.51 -25.94
C GLY B 128 13.53 -7.26 -26.77
N MET B 129 12.31 -6.76 -26.83
CA MET B 129 12.00 -5.54 -27.58
C MET B 129 12.67 -4.31 -26.97
N ALA B 130 12.82 -4.28 -25.65
CA ALA B 130 13.55 -3.23 -24.96
C ALA B 130 15.03 -3.25 -25.34
N TYR B 131 15.58 -4.45 -25.50
CA TYR B 131 16.97 -4.58 -25.96
C TYR B 131 17.13 -4.02 -27.37
N LEU B 132 16.29 -4.47 -28.30
CA LEU B 132 16.39 -4.06 -29.70
C LEU B 132 16.30 -2.55 -29.88
N HIS B 133 15.33 -1.94 -29.22
CA HIS B 133 15.16 -0.48 -29.26
C HIS B 133 16.35 0.25 -28.66
N GLY B 134 16.95 -0.33 -27.61
CA GLY B 134 18.17 0.20 -27.01
C GLY B 134 19.39 0.13 -27.93
N LYS B 135 19.39 -0.86 -28.84
CA LYS B 135 20.43 -0.98 -29.85
C LYS B 135 20.14 -0.14 -31.10
N GLY B 136 19.01 0.58 -31.12
CA GLY B 136 18.64 1.45 -32.23
C GLY B 136 17.90 0.71 -33.33
N VAL B 137 17.45 -0.50 -33.02
CA VAL B 137 16.78 -1.36 -33.99
C VAL B 137 15.27 -1.35 -33.77
N ILE B 138 14.54 -0.85 -34.76
CA ILE B 138 13.09 -0.88 -34.78
C ILE B 138 12.68 -2.10 -35.60
N HIS B 139 11.88 -2.98 -35.01
CA HIS B 139 11.52 -4.26 -35.67
C HIS B 139 10.84 -4.02 -37.01
N LYS B 140 9.75 -3.24 -36.99
CA LYS B 140 8.94 -2.91 -38.18
C LYS B 140 7.94 -4.00 -38.57
N ASP B 141 7.98 -5.15 -37.92
CA ASP B 141 7.02 -6.22 -38.21
C ASP B 141 6.93 -7.25 -37.07
N LEU B 142 6.87 -6.74 -35.84
CA LEU B 142 6.64 -7.61 -34.69
C LEU B 142 5.26 -8.23 -34.82
N LYS B 143 5.20 -9.55 -34.67
CA LYS B 143 3.96 -10.31 -34.78
C LYS B 143 4.22 -11.71 -34.22
N PRO B 144 3.15 -12.51 -33.98
CA PRO B 144 3.36 -13.85 -33.41
C PRO B 144 4.24 -14.80 -34.23
N GLU B 145 4.27 -14.62 -35.55
CA GLU B 145 5.13 -15.44 -36.42
C GLU B 145 6.62 -15.11 -36.26
N ASN B 146 6.92 -13.94 -35.71
CA ASN B 146 8.30 -13.54 -35.43
C ASN B 146 8.68 -13.67 -33.95
N ILE B 147 7.88 -14.41 -33.19
CA ILE B 147 8.20 -14.73 -31.79
C ILE B 147 8.28 -16.25 -31.64
N LEU B 148 9.48 -16.78 -31.78
CA LEU B 148 9.70 -18.23 -31.77
C LEU B 148 9.81 -18.75 -30.35
N VAL B 149 9.43 -20.01 -30.15
CA VAL B 149 9.29 -20.61 -28.82
C VAL B 149 10.08 -21.91 -28.72
N ASP B 150 10.88 -22.06 -27.66
CA ASP B 150 11.63 -23.30 -27.47
C ASP B 150 10.84 -24.29 -26.59
N ASN B 151 11.44 -25.46 -26.32
CA ASN B 151 10.76 -26.53 -25.59
C ASN B 151 10.39 -26.21 -24.14
N ASP B 152 11.13 -25.28 -23.52
CA ASP B 152 10.81 -24.81 -22.17
C ASP B 152 9.83 -23.63 -22.17
N PHE B 153 9.20 -23.36 -23.31
CA PHE B 153 8.27 -22.24 -23.50
C PHE B 153 8.90 -20.86 -23.35
N HIS B 154 10.24 -20.78 -23.36
CA HIS B 154 10.93 -19.51 -23.45
C HIS B 154 10.90 -19.05 -24.90
N ILE B 155 10.90 -17.73 -25.11
CA ILE B 155 10.77 -17.17 -26.44
C ILE B 155 12.00 -16.42 -26.88
N LYS B 156 12.16 -16.29 -28.19
CA LYS B 156 13.14 -15.40 -28.77
C LYS B 156 12.46 -14.66 -29.91
N ILE B 157 12.85 -13.41 -30.11
CA ILE B 157 12.28 -12.58 -31.17
C ILE B 157 13.09 -12.73 -32.44
N ALA B 158 12.40 -13.11 -33.52
CA ALA B 158 13.00 -13.33 -34.83
C ALA B 158 12.62 -12.24 -35.80
N ASP B 159 13.28 -12.26 -36.96
CA ASP B 159 12.97 -11.35 -38.08
C ASP B 159 12.95 -12.18 -39.36
N LEU B 160 11.95 -13.06 -39.46
CA LEU B 160 11.86 -14.04 -40.54
C LEU B 160 11.63 -13.44 -41.93
N GLY B 161 11.07 -12.23 -41.97
CA GLY B 161 10.85 -11.53 -43.23
C GLY B 161 12.04 -10.70 -43.69
N LEU B 162 13.12 -10.71 -42.90
CA LEU B 162 14.34 -9.95 -43.19
C LEU B 162 14.07 -8.46 -43.38
N ALA B 163 13.20 -7.91 -42.53
CA ALA B 163 12.86 -6.49 -42.58
C ALA B 163 14.05 -5.62 -42.14
N SER B 164 14.88 -6.15 -41.24
CA SER B 164 16.07 -5.44 -40.74
C SER B 164 17.37 -5.84 -41.45
N PHE B 165 17.28 -6.70 -42.47
CA PHE B 165 18.43 -7.16 -43.25
C PHE B 165 18.29 -6.68 -44.70
N LYS B 166 18.82 -5.51 -45.01
CA LYS B 166 18.62 -4.89 -46.33
C LYS B 166 19.13 -5.79 -47.46
N MET B 167 20.41 -6.14 -47.42
CA MET B 167 21.06 -6.90 -48.49
C MET B 167 20.57 -8.35 -48.64
N TRP B 168 20.42 -9.06 -47.52
CA TRP B 168 19.96 -10.45 -47.56
C TRP B 168 18.50 -10.57 -48.02
N SER B 169 17.68 -9.57 -47.70
CA SER B 169 16.28 -9.55 -48.15
C SER B 169 16.19 -9.34 -49.65
N LYS B 170 16.96 -8.37 -50.15
CA LYS B 170 17.03 -8.08 -51.59
C LYS B 170 17.41 -9.32 -52.38
N LEU B 171 18.40 -10.05 -51.88
CA LEU B 171 18.86 -11.30 -52.45
C LEU B 171 17.73 -12.32 -52.52
N ASN B 172 17.00 -12.45 -51.42
CA ASN B 172 15.85 -13.36 -51.33
C ASN B 172 14.72 -12.99 -52.29
N ASN B 173 14.39 -11.71 -52.37
CA ASN B 173 13.21 -11.23 -53.11
C ASN B 173 13.36 -11.11 -54.64
N GLU B 174 14.41 -11.71 -55.20
CA GLU B 174 14.62 -11.71 -56.65
C GLU B 174 14.90 -13.11 -57.16
N GLY B 191 2.03 -9.85 -46.19
CA GLY B 191 2.29 -9.29 -44.87
C GLY B 191 1.00 -8.99 -44.13
N THR B 192 0.96 -9.36 -42.84
CA THR B 192 -0.26 -9.24 -42.03
C THR B 192 -0.49 -7.79 -41.62
N LEU B 193 -1.69 -7.31 -41.92
CA LEU B 193 -2.13 -5.96 -41.53
C LEU B 193 -2.58 -5.91 -40.07
N TYR B 194 -2.83 -7.06 -39.47
CA TYR B 194 -3.37 -7.12 -38.11
C TYR B 194 -2.52 -6.41 -37.07
N TYR B 195 -1.20 -6.41 -37.25
CA TYR B 195 -0.27 -5.91 -36.24
C TYR B 195 0.43 -4.61 -36.61
N MET B 196 0.04 -4.02 -37.75
CA MET B 196 0.57 -2.71 -38.15
C MET B 196 -0.16 -1.58 -37.44
N ALA B 197 0.59 -0.60 -36.95
CA ALA B 197 0.00 0.60 -36.35
C ALA B 197 -0.82 1.35 -37.42
N PRO B 198 -1.91 2.03 -37.00
CA PRO B 198 -2.82 2.66 -37.96
C PRO B 198 -2.16 3.73 -38.83
N GLU B 199 -1.17 4.43 -38.29
CA GLU B 199 -0.44 5.44 -39.06
C GLU B 199 0.26 4.86 -40.30
N HIS B 200 0.54 3.55 -40.28
CA HIS B 200 1.18 2.87 -41.42
C HIS B 200 0.21 2.24 -42.42
N LEU B 201 -1.08 2.24 -42.08
CA LEU B 201 -2.10 1.71 -42.98
C LEU B 201 -2.43 2.78 -44.03
N ASN B 202 -2.19 2.45 -45.30
CA ASN B 202 -2.46 3.34 -46.45
C ASN B 202 -1.64 4.65 -46.46
N ASP B 203 -0.45 4.61 -45.85
CA ASP B 203 0.45 5.75 -45.83
C ASP B 203 1.88 5.25 -45.90
N VAL B 204 2.35 5.04 -47.12
CA VAL B 204 3.68 4.46 -47.39
C VAL B 204 4.82 5.44 -47.05
N ASN B 205 4.52 6.73 -46.95
CA ASN B 205 5.53 7.74 -46.65
C ASN B 205 6.00 7.75 -45.18
N ALA B 206 5.16 7.24 -44.29
CA ALA B 206 5.38 7.41 -42.85
C ALA B 206 6.36 6.40 -42.26
N LYS B 207 7.50 6.90 -41.78
CA LYS B 207 8.56 6.05 -41.23
C LYS B 207 8.16 5.36 -39.94
N PRO B 208 8.58 4.08 -39.77
CA PRO B 208 8.36 3.40 -38.48
C PRO B 208 9.20 3.96 -37.34
N THR B 209 8.65 3.88 -36.13
CA THR B 209 9.34 4.33 -34.92
C THR B 209 9.25 3.23 -33.87
N GLU B 210 9.76 3.51 -32.67
CA GLU B 210 9.59 2.61 -31.53
C GLU B 210 8.12 2.38 -31.23
N LYS B 211 7.31 3.44 -31.40
CA LYS B 211 5.88 3.40 -31.10
C LYS B 211 5.09 2.55 -32.08
N SER B 212 5.63 2.32 -33.27
CA SER B 212 5.05 1.37 -34.22
C SER B 212 5.13 -0.06 -33.67
N ASP B 213 6.27 -0.41 -33.10
CA ASP B 213 6.46 -1.73 -32.50
C ASP B 213 5.55 -1.95 -31.29
N VAL B 214 5.39 -0.91 -30.48
CA VAL B 214 4.58 -0.99 -29.27
C VAL B 214 3.13 -1.31 -29.61
N TYR B 215 2.62 -0.76 -30.72
CA TYR B 215 1.26 -1.08 -31.19
C TYR B 215 1.13 -2.56 -31.53
N SER B 216 2.15 -3.11 -32.19
CA SER B 216 2.16 -4.52 -32.55
C SER B 216 2.11 -5.39 -31.29
N PHE B 217 2.92 -5.03 -30.31
CA PHE B 217 2.93 -5.71 -29.01
C PHE B 217 1.55 -5.73 -28.35
N ALA B 218 0.77 -4.66 -28.53
CA ALA B 218 -0.59 -4.58 -27.99
C ALA B 218 -1.48 -5.69 -28.53
N VAL B 219 -1.43 -5.90 -29.84
CA VAL B 219 -2.27 -6.93 -30.47
C VAL B 219 -1.74 -8.32 -30.14
N VAL B 220 -0.43 -8.45 -30.00
CA VAL B 220 0.18 -9.70 -29.51
C VAL B 220 -0.42 -10.07 -28.15
N LEU B 221 -0.42 -9.12 -27.21
CA LEU B 221 -1.03 -9.33 -25.89
C LEU B 221 -2.47 -9.84 -25.99
N TRP B 222 -3.27 -9.18 -26.82
CA TRP B 222 -4.64 -9.63 -27.07
C TRP B 222 -4.63 -11.06 -27.58
N ALA B 223 -3.79 -11.32 -28.58
CA ALA B 223 -3.68 -12.64 -29.20
C ALA B 223 -3.29 -13.73 -28.20
N ILE B 224 -2.42 -13.39 -27.25
CA ILE B 224 -1.99 -14.32 -26.21
C ILE B 224 -3.14 -14.82 -25.33
N PHE B 225 -4.09 -13.94 -25.01
CA PHE B 225 -5.22 -14.29 -24.15
C PHE B 225 -6.49 -14.69 -24.91
N ALA B 226 -6.50 -14.46 -26.22
CA ALA B 226 -7.60 -14.91 -27.08
C ALA B 226 -7.33 -16.28 -27.70
N ASN B 227 -6.05 -16.64 -27.79
CA ASN B 227 -5.61 -17.87 -28.46
C ASN B 227 -6.02 -17.94 -29.93
N LYS B 228 -5.97 -16.79 -30.60
CA LYS B 228 -6.25 -16.71 -32.04
C LYS B 228 -5.83 -15.37 -32.64
N GLU B 229 -5.93 -15.28 -33.97
CA GLU B 229 -5.73 -14.02 -34.68
C GLU B 229 -6.98 -13.14 -34.50
N PRO B 230 -6.80 -11.81 -34.53
CA PRO B 230 -7.91 -10.89 -34.36
C PRO B 230 -8.69 -10.64 -35.65
N TYR B 231 -9.80 -9.93 -35.53
CA TYR B 231 -10.61 -9.47 -36.66
C TYR B 231 -11.15 -10.61 -37.53
N GLU B 232 -11.59 -11.70 -36.90
CA GLU B 232 -12.09 -12.87 -37.63
C GLU B 232 -13.30 -12.54 -38.51
N ASN B 233 -14.16 -11.63 -38.05
CA ASN B 233 -15.38 -11.25 -38.78
C ASN B 233 -15.17 -10.23 -39.91
N ALA B 234 -13.95 -9.76 -40.08
CA ALA B 234 -13.60 -8.87 -41.21
C ALA B 234 -13.93 -9.51 -42.54
N ILE B 235 -14.51 -8.71 -43.44
CA ILE B 235 -14.97 -9.19 -44.74
C ILE B 235 -13.97 -8.85 -45.84
N ALA B 236 -13.64 -7.57 -45.97
CA ALA B 236 -12.72 -7.09 -47.00
C ALA B 236 -11.51 -6.41 -46.38
N GLU B 237 -10.43 -6.33 -47.15
CA GLU B 237 -9.18 -5.75 -46.65
C GLU B 237 -9.29 -4.24 -46.43
N GLN B 238 -9.94 -3.55 -47.37
CA GLN B 238 -10.11 -2.11 -47.27
C GLN B 238 -11.07 -1.74 -46.14
N GLN B 239 -12.07 -2.60 -45.91
CA GLN B 239 -12.93 -2.50 -44.74
C GLN B 239 -12.10 -2.53 -43.46
N LEU B 240 -11.29 -3.58 -43.33
CA LEU B 240 -10.47 -3.78 -42.14
C LEU B 240 -9.49 -2.62 -41.92
N ILE B 241 -8.85 -2.16 -43.01
CA ILE B 241 -7.91 -1.03 -42.97
C ILE B 241 -8.55 0.25 -42.44
N MET B 242 -9.59 0.73 -43.12
CA MET B 242 -10.26 1.97 -42.73
C MET B 242 -10.88 1.87 -41.32
N ALA B 243 -11.37 0.68 -40.97
CA ALA B 243 -11.96 0.46 -39.64
C ALA B 243 -10.93 0.69 -38.55
N ILE B 244 -9.76 0.06 -38.70
CA ILE B 244 -8.67 0.19 -37.73
C ILE B 244 -8.22 1.65 -37.65
N LYS B 245 -8.11 2.29 -38.81
CA LYS B 245 -7.77 3.71 -38.89
C LYS B 245 -8.82 4.61 -38.20
N SER B 246 -10.09 4.20 -38.27
CA SER B 246 -11.18 4.92 -37.62
C SER B 246 -11.28 4.67 -36.11
N GLY B 247 -10.59 3.63 -35.62
CA GLY B 247 -10.54 3.33 -34.19
C GLY B 247 -10.77 1.88 -33.78
N ASN B 248 -11.22 1.04 -34.71
CA ASN B 248 -11.44 -0.38 -34.41
C ASN B 248 -10.19 -1.10 -33.90
N ARG B 249 -10.39 -1.94 -32.90
CA ARG B 249 -9.33 -2.75 -32.32
C ARG B 249 -9.85 -4.16 -32.11
N PRO B 250 -8.96 -5.12 -31.79
CA PRO B 250 -9.43 -6.48 -31.53
C PRO B 250 -10.47 -6.53 -30.41
N ASP B 251 -11.49 -7.37 -30.58
CA ASP B 251 -12.59 -7.45 -29.63
C ASP B 251 -12.13 -8.00 -28.29
N VAL B 252 -12.08 -7.12 -27.29
CA VAL B 252 -11.65 -7.47 -25.93
C VAL B 252 -12.58 -8.49 -25.27
N ASP B 253 -13.88 -8.42 -25.59
CA ASP B 253 -14.88 -9.36 -25.07
C ASP B 253 -14.72 -10.77 -25.63
N ASP B 254 -13.89 -10.93 -26.66
CA ASP B 254 -13.60 -12.24 -27.24
C ASP B 254 -12.63 -13.05 -26.38
N ILE B 255 -11.93 -12.37 -25.47
CA ILE B 255 -11.06 -13.04 -24.50
C ILE B 255 -11.92 -13.79 -23.46
N THR B 256 -12.10 -15.09 -23.70
CA THR B 256 -13.01 -15.91 -22.89
C THR B 256 -12.38 -16.31 -21.55
N GLU B 257 -11.13 -16.74 -21.59
CA GLU B 257 -10.42 -17.17 -20.38
C GLU B 257 -9.91 -15.98 -19.57
N TYR B 258 -9.38 -16.29 -18.39
CA TYR B 258 -8.92 -15.26 -17.45
C TYR B 258 -7.76 -14.44 -18.01
N CYS B 259 -8.03 -13.16 -18.27
CA CYS B 259 -6.99 -12.18 -18.59
C CYS B 259 -6.99 -11.12 -17.50
N PRO B 260 -5.82 -10.91 -16.85
CA PRO B 260 -5.74 -9.89 -15.80
C PRO B 260 -6.20 -8.51 -16.23
N ARG B 261 -6.57 -7.71 -15.25
CA ARG B 261 -7.20 -6.42 -15.48
C ARG B 261 -6.17 -5.39 -15.93
N GLU B 262 -4.97 -5.49 -15.35
CA GLU B 262 -3.87 -4.60 -15.69
C GLU B 262 -3.39 -4.80 -17.12
N ILE B 263 -3.46 -6.04 -17.62
CA ILE B 263 -3.00 -6.37 -18.97
C ILE B 263 -3.94 -5.86 -20.06
N ILE B 264 -5.24 -5.95 -19.82
CA ILE B 264 -6.22 -5.40 -20.74
C ILE B 264 -6.10 -3.88 -20.83
N SER B 265 -5.76 -3.25 -19.71
CA SER B 265 -5.44 -1.82 -19.71
C SER B 265 -4.15 -1.57 -20.50
N LEU B 266 -3.17 -2.44 -20.30
CA LEU B 266 -1.89 -2.32 -21.00
C LEU B 266 -2.02 -2.35 -22.53
N MET B 267 -2.77 -3.32 -23.05
CA MET B 267 -2.94 -3.42 -24.50
C MET B 267 -3.72 -2.24 -25.06
N LYS B 268 -4.78 -1.83 -24.36
CA LYS B 268 -5.54 -0.62 -24.71
C LYS B 268 -4.64 0.61 -24.74
N LEU B 269 -3.78 0.73 -23.73
CA LEU B 269 -2.80 1.81 -23.66
C LEU B 269 -1.86 1.71 -24.87
N CYS B 270 -1.38 0.50 -25.12
CA CYS B 270 -0.39 0.28 -26.17
C CYS B 270 -0.95 0.37 -27.59
N TRP B 271 -2.26 0.24 -27.76
CA TRP B 271 -2.85 0.46 -29.10
C TRP B 271 -3.64 1.76 -29.26
N GLU B 272 -3.31 2.76 -28.44
CA GLU B 272 -3.80 4.12 -28.63
C GLU B 272 -3.53 4.59 -30.05
N ALA B 273 -4.49 5.33 -30.62
CA ALA B 273 -4.36 5.86 -31.98
C ALA B 273 -3.15 6.79 -32.10
N ASN B 274 -2.92 7.57 -31.06
CA ASN B 274 -1.78 8.49 -31.01
C ASN B 274 -0.52 7.77 -30.54
N PRO B 275 0.55 7.80 -31.36
CA PRO B 275 1.81 7.19 -30.93
C PRO B 275 2.41 7.80 -29.66
N GLU B 276 2.15 9.10 -29.44
CA GLU B 276 2.61 9.80 -28.23
C GLU B 276 2.01 9.23 -26.94
N ALA B 277 0.79 8.72 -27.02
CA ALA B 277 0.11 8.14 -25.87
C ALA B 277 0.65 6.76 -25.48
N ARG B 278 1.28 6.07 -26.44
CA ARG B 278 1.84 4.75 -26.18
C ARG B 278 3.12 4.85 -25.37
N PRO B 279 3.31 3.94 -24.40
CA PRO B 279 4.54 3.94 -23.62
C PRO B 279 5.71 3.34 -24.40
N THR B 280 6.91 3.45 -23.84
CA THR B 280 8.09 2.79 -24.38
C THR B 280 8.22 1.44 -23.68
N PHE B 281 8.94 0.51 -24.30
CA PHE B 281 9.11 -0.83 -23.73
C PHE B 281 9.83 -0.81 -22.37
N PRO B 282 10.87 0.03 -22.22
CA PRO B 282 11.41 0.24 -20.88
C PRO B 282 10.34 0.74 -19.89
N GLY B 283 9.41 1.56 -20.37
CA GLY B 283 8.26 2.00 -19.57
C GLY B 283 7.30 0.87 -19.25
N ILE B 284 7.02 0.02 -20.24
CA ILE B 284 6.17 -1.15 -20.02
C ILE B 284 6.85 -2.09 -19.03
N GLU B 285 8.17 -2.27 -19.17
CA GLU B 285 8.92 -3.18 -18.31
C GLU B 285 8.91 -2.73 -16.84
N GLU B 286 8.97 -1.42 -16.62
CA GLU B 286 8.91 -0.85 -15.27
C GLU B 286 7.69 -1.36 -14.51
N LYS B 287 6.53 -1.25 -15.13
CA LYS B 287 5.27 -1.71 -14.53
C LYS B 287 5.17 -3.23 -14.47
N PHE B 288 5.37 -3.88 -15.61
CA PHE B 288 5.00 -5.29 -15.76
C PHE B 288 5.90 -6.29 -15.03
N ARG B 289 7.15 -5.94 -14.78
CA ARG B 289 8.08 -6.86 -14.11
C ARG B 289 7.65 -7.17 -12.67
N PRO B 290 7.46 -6.14 -11.81
CA PRO B 290 6.97 -6.42 -10.46
C PRO B 290 5.54 -6.95 -10.43
N PHE B 291 4.72 -6.53 -11.38
CA PHE B 291 3.37 -7.09 -11.54
C PHE B 291 3.46 -8.60 -11.73
N TYR B 292 4.26 -9.02 -12.71
CA TYR B 292 4.48 -10.44 -12.99
C TYR B 292 5.02 -11.22 -11.78
N LEU B 293 6.04 -10.65 -11.13
CA LEU B 293 6.72 -11.33 -10.03
C LEU B 293 5.80 -11.55 -8.82
N SER B 294 5.12 -10.49 -8.40
CA SER B 294 4.26 -10.55 -7.21
C SER B 294 2.99 -11.36 -7.45
N GLN B 295 2.41 -11.22 -8.64
CA GLN B 295 1.11 -11.82 -8.95
C GLN B 295 1.23 -13.15 -9.72
N LEU B 296 1.80 -13.08 -10.92
CA LEU B 296 1.60 -14.12 -11.93
C LEU B 296 2.50 -15.36 -11.87
N GLU B 297 3.70 -15.25 -11.30
CA GLU B 297 4.62 -16.40 -11.27
C GLU B 297 4.14 -17.48 -10.30
N ILE C 13 -10.55 -7.23 19.01
CA ILE C 13 -10.23 -7.21 20.48
C ILE C 13 -8.82 -7.72 20.80
N LYS C 14 -8.63 -9.03 20.76
CA LYS C 14 -7.42 -9.66 21.32
C LYS C 14 -6.30 -9.65 20.28
N MET C 15 -5.10 -9.26 20.72
CA MET C 15 -3.94 -9.11 19.85
C MET C 15 -2.80 -10.01 20.29
N LYS C 16 -1.92 -10.35 19.35
CA LYS C 16 -0.75 -11.17 19.62
C LYS C 16 0.51 -10.44 19.13
N SER C 17 1.64 -10.74 19.77
CA SER C 17 2.92 -10.09 19.43
C SER C 17 3.40 -10.44 18.01
N SER C 18 2.84 -11.50 17.43
CA SER C 18 3.04 -11.80 16.00
C SER C 18 2.53 -10.65 15.13
N ASP C 19 1.43 -10.03 15.54
CA ASP C 19 0.85 -8.89 14.82
C ASP C 19 1.74 -7.66 14.90
N PHE C 20 2.44 -7.51 16.02
CA PHE C 20 3.48 -6.49 16.16
C PHE C 20 4.84 -7.14 15.91
N LEU C 21 5.08 -7.46 14.64
CA LEU C 21 6.31 -8.16 14.23
C LEU C 21 7.60 -7.47 14.73
N GLU C 22 7.51 -6.17 14.96
CA GLU C 22 8.63 -5.38 15.51
C GLU C 22 8.32 -4.90 16.92
N SER C 23 9.37 -4.50 17.63
CA SER C 23 9.25 -4.06 19.02
C SER C 23 10.42 -3.15 19.42
N ALA C 24 10.16 -1.85 19.46
CA ALA C 24 11.13 -0.85 19.94
C ALA C 24 10.53 -0.12 21.13
N GLU C 25 11.11 -0.35 22.30
CA GLU C 25 10.50 0.02 23.58
C GLU C 25 11.31 1.08 24.33
N LEU C 26 10.83 2.32 24.30
CA LEU C 26 11.40 3.43 25.06
C LEU C 26 10.32 3.96 26.03
N ASP C 27 10.36 5.23 26.39
CA ASP C 27 9.28 5.86 27.18
C ASP C 27 8.95 7.26 26.66
N LYS C 33 6.21 0.10 31.56
CA LYS C 33 6.86 0.64 30.37
C LYS C 33 5.85 1.09 29.30
N VAL C 34 6.14 2.22 28.67
CA VAL C 34 5.31 2.76 27.59
C VAL C 34 6.09 2.77 26.27
N SER C 35 5.67 1.92 25.33
CA SER C 35 6.39 1.73 24.07
C SER C 35 5.70 2.36 22.86
N LEU C 36 6.45 2.47 21.77
CA LEU C 36 5.86 2.60 20.44
C LEU C 36 5.90 1.22 19.79
N ALA C 37 4.93 0.95 18.91
CA ALA C 37 4.82 -0.35 18.27
C ALA C 37 4.19 -0.26 16.89
N PHE C 38 4.60 -1.14 15.99
CA PHE C 38 4.05 -1.17 14.62
C PHE C 38 3.30 -2.47 14.33
N HIS C 39 1.99 -2.33 14.15
CA HIS C 39 1.15 -3.44 13.69
C HIS C 39 1.41 -3.63 12.20
N ARG C 40 1.49 -4.88 11.75
CA ARG C 40 1.90 -5.22 10.38
C ARG C 40 1.10 -4.46 9.31
N THR C 41 -0.22 -4.55 9.39
CA THR C 41 -1.12 -3.86 8.47
C THR C 41 -1.64 -2.54 9.05
N GLN C 42 -2.13 -2.61 10.28
CA GLN C 42 -2.88 -1.51 10.91
C GLN C 42 -2.05 -0.29 11.29
N GLY C 43 -0.72 -0.44 11.32
CA GLY C 43 0.18 0.72 11.42
C GLY C 43 0.69 1.05 12.81
N LEU C 44 0.99 2.32 13.02
CA LEU C 44 1.68 2.80 14.22
C LEU C 44 0.73 2.93 15.42
N MET C 45 1.17 2.42 16.57
CA MET C 45 0.38 2.44 17.81
C MET C 45 1.28 2.64 19.04
N ILE C 46 0.67 3.10 20.14
CA ILE C 46 1.36 3.21 21.42
C ILE C 46 0.90 2.08 22.35
N MET C 47 1.86 1.48 23.05
CA MET C 47 1.59 0.33 23.92
C MET C 47 2.01 0.63 25.36
N LYS C 48 1.25 0.08 26.31
CA LYS C 48 1.57 0.18 27.73
C LYS C 48 1.66 -1.24 28.29
N THR C 49 2.84 -1.59 28.81
CA THR C 49 3.14 -2.95 29.25
C THR C 49 3.58 -2.99 30.71
N VAL C 50 3.30 -4.12 31.36
CA VAL C 50 3.67 -4.33 32.77
C VAL C 50 4.66 -5.47 33.00
N TYR C 51 4.42 -6.62 32.36
CA TYR C 51 5.13 -7.88 32.69
C TYR C 51 4.87 -8.23 34.17
N LYS C 52 3.72 -8.86 34.42
CA LYS C 52 3.33 -9.22 35.77
C LYS C 52 3.96 -10.55 36.17
N GLY C 53 4.17 -10.74 37.47
CA GLY C 53 4.56 -12.04 38.00
C GLY C 53 3.45 -13.05 37.81
N PRO C 54 3.73 -14.33 38.08
CA PRO C 54 2.73 -15.37 37.83
C PRO C 54 1.65 -15.43 38.90
N HIS C 59 -6.12 -12.86 36.83
CA HIS C 59 -7.44 -12.38 36.43
C HIS C 59 -7.52 -12.12 34.92
N ASN C 60 -7.55 -13.21 34.15
CA ASN C 60 -7.66 -13.14 32.69
C ASN C 60 -9.02 -12.58 32.24
N GLU C 61 -10.06 -12.85 33.01
CA GLU C 61 -11.43 -12.45 32.67
C GLU C 61 -11.79 -11.03 33.13
N ALA C 62 -11.46 -10.71 34.37
CA ALA C 62 -11.70 -9.37 34.92
C ALA C 62 -11.06 -8.29 34.05
N LEU C 63 -9.89 -8.60 33.51
CA LEU C 63 -9.19 -7.69 32.60
C LEU C 63 -9.86 -7.56 31.23
N LEU C 64 -10.43 -8.65 30.73
CA LEU C 64 -10.99 -8.69 29.37
C LEU C 64 -12.35 -7.97 29.28
N GLU C 65 -13.27 -8.30 30.19
CA GLU C 65 -14.56 -7.59 30.26
C GLU C 65 -14.35 -6.08 30.41
N GLU C 66 -13.32 -5.71 31.17
CA GLU C 66 -12.94 -4.32 31.35
C GLU C 66 -12.41 -3.70 30.05
N ALA C 67 -11.64 -4.49 29.30
CA ALA C 67 -11.11 -4.04 28.00
C ALA C 67 -12.20 -3.88 26.94
N LYS C 68 -13.22 -4.75 26.97
CA LYS C 68 -14.35 -4.65 26.04
C LYS C 68 -15.28 -3.50 26.46
N MET C 69 -15.22 -3.13 27.74
CA MET C 69 -15.90 -1.93 28.25
C MET C 69 -15.20 -0.67 27.72
N MET C 70 -13.87 -0.69 27.67
CA MET C 70 -13.09 0.39 27.05
C MET C 70 -13.45 0.55 25.58
N ASN C 71 -13.66 -0.58 24.91
CA ASN C 71 -13.95 -0.60 23.48
C ASN C 71 -15.30 0.02 23.11
N ARG C 72 -16.24 0.03 24.05
CA ARG C 72 -17.56 0.63 23.85
C ARG C 72 -17.54 2.16 23.75
N LEU C 73 -16.47 2.77 24.26
CA LEU C 73 -16.32 4.23 24.16
C LEU C 73 -15.74 4.60 22.80
N ARG C 74 -16.59 5.15 21.94
CA ARG C 74 -16.20 5.56 20.58
C ARG C 74 -16.64 6.99 20.26
N HIS C 75 -15.67 7.88 20.08
CA HIS C 75 -15.92 9.29 19.79
C HIS C 75 -14.63 9.92 19.26
N SER C 76 -14.73 10.72 18.21
CA SER C 76 -13.55 11.30 17.54
C SER C 76 -12.61 12.07 18.48
N ARG C 77 -13.19 12.68 19.51
CA ARG C 77 -12.42 13.42 20.52
C ARG C 77 -12.09 12.58 21.78
N VAL C 78 -12.22 11.25 21.70
CA VAL C 78 -11.90 10.36 22.81
C VAL C 78 -10.97 9.26 22.32
N VAL C 79 -9.95 8.96 23.12
CA VAL C 79 -8.95 7.94 22.75
C VAL C 79 -9.63 6.57 22.70
N LYS C 80 -9.41 5.87 21.60
CA LYS C 80 -9.99 4.54 21.38
C LYS C 80 -8.97 3.46 21.72
N LEU C 81 -9.45 2.33 22.22
CA LEU C 81 -8.62 1.16 22.47
C LEU C 81 -8.57 0.33 21.19
N LEU C 82 -7.38 0.20 20.60
CA LEU C 82 -7.21 -0.54 19.35
C LEU C 82 -7.05 -2.05 19.57
N GLY C 83 -6.62 -2.44 20.76
CA GLY C 83 -6.51 -3.86 21.11
C GLY C 83 -5.77 -4.13 22.40
N VAL C 84 -5.77 -5.39 22.82
CA VAL C 84 -5.07 -5.83 24.03
C VAL C 84 -4.32 -7.13 23.81
N ILE C 85 -3.19 -7.26 24.51
CA ILE C 85 -2.38 -8.48 24.48
C ILE C 85 -2.36 -9.09 25.87
N ILE C 86 -2.76 -10.35 25.97
CA ILE C 86 -2.58 -11.14 27.19
C ILE C 86 -1.89 -12.45 26.82
N GLU C 87 -0.56 -12.40 26.74
CA GLU C 87 0.27 -13.57 26.51
C GLU C 87 0.95 -13.98 27.82
N GLU C 88 1.47 -15.20 27.85
CA GLU C 88 2.03 -15.81 29.07
C GLU C 88 2.07 -14.89 30.29
N GLY C 89 3.07 -14.00 30.35
CA GLY C 89 3.21 -13.07 31.47
C GLY C 89 3.06 -11.60 31.10
N LYS C 90 2.85 -11.32 29.82
CA LYS C 90 2.74 -9.95 29.33
C LYS C 90 1.27 -9.52 29.32
N TYR C 91 1.01 -8.31 29.85
CA TYR C 91 -0.34 -7.73 29.83
C TYR C 91 -0.23 -6.30 29.27
N SER C 92 -0.82 -6.09 28.09
CA SER C 92 -0.62 -4.84 27.36
C SER C 92 -1.93 -4.20 26.86
N LEU C 93 -2.00 -2.88 26.97
CA LEU C 93 -3.05 -2.08 26.33
C LEU C 93 -2.43 -1.33 25.16
N VAL C 94 -3.20 -1.15 24.10
CA VAL C 94 -2.72 -0.49 22.89
C VAL C 94 -3.70 0.60 22.46
N MET C 95 -3.17 1.76 22.06
CA MET C 95 -3.98 2.90 21.60
C MET C 95 -3.36 3.62 20.41
N GLU C 96 -4.15 4.50 19.81
CA GLU C 96 -3.72 5.28 18.64
C GLU C 96 -2.64 6.28 19.02
N TYR C 97 -1.74 6.53 18.09
CA TYR C 97 -0.65 7.49 18.30
C TYR C 97 -1.16 8.92 18.20
N MET C 98 -0.68 9.78 19.09
CA MET C 98 -0.97 11.21 19.06
C MET C 98 0.36 11.96 19.03
N GLU C 99 0.65 12.57 17.89
CA GLU C 99 2.01 13.01 17.55
C GLU C 99 2.61 14.05 18.52
N LYS C 100 1.83 15.07 18.88
CA LYS C 100 2.37 16.19 19.66
C LYS C 100 2.42 15.97 21.17
N GLY C 101 1.87 14.86 21.66
CA GLY C 101 1.91 14.54 23.10
C GLY C 101 0.72 15.10 23.86
N ASN C 102 0.94 15.46 25.12
CA ASN C 102 -0.15 15.99 25.95
C ASN C 102 -0.36 17.50 25.74
N LEU C 103 -1.47 17.99 26.30
CA LEU C 103 -1.85 19.40 26.16
C LEU C 103 -0.77 20.35 26.67
N MET C 104 -0.34 20.15 27.91
CA MET C 104 0.64 21.04 28.55
C MET C 104 1.96 21.13 27.77
N HIS C 105 2.33 20.04 27.13
CA HIS C 105 3.54 20.00 26.32
C HIS C 105 3.43 20.89 25.09
N VAL C 106 2.24 20.93 24.50
CA VAL C 106 1.97 21.77 23.32
C VAL C 106 1.94 23.25 23.71
N LEU C 107 1.36 23.54 24.88
CA LEU C 107 1.25 24.91 25.39
C LEU C 107 2.60 25.57 25.65
N LYS C 108 3.58 24.78 26.08
CA LYS C 108 4.93 25.27 26.38
C LYS C 108 5.89 25.18 25.18
N ALA C 109 5.35 24.95 23.99
CA ALA C 109 6.16 24.80 22.78
C ALA C 109 6.66 26.15 22.27
N GLU C 110 7.74 26.11 21.48
CA GLU C 110 8.28 27.31 20.83
C GLU C 110 7.28 27.83 19.80
N MET C 111 6.64 26.90 19.09
CA MET C 111 5.44 27.22 18.31
C MET C 111 4.29 27.47 19.29
N SER C 112 4.06 28.74 19.59
CA SER C 112 2.92 29.12 20.43
C SER C 112 1.65 29.02 19.58
N THR C 113 0.61 28.42 20.17
CA THR C 113 -0.63 28.14 19.47
C THR C 113 -1.47 29.41 19.35
N PRO C 114 -2.00 29.71 18.13
CA PRO C 114 -2.93 30.82 17.98
C PRO C 114 -4.21 30.69 18.80
N LEU C 115 -4.95 31.78 18.92
CA LEU C 115 -6.18 31.83 19.71
C LEU C 115 -7.29 30.96 19.11
N SER C 116 -7.36 30.92 17.78
CA SER C 116 -8.39 30.15 17.09
C SER C 116 -8.28 28.66 17.40
N VAL C 117 -7.05 28.14 17.33
CA VAL C 117 -6.80 26.73 17.57
C VAL C 117 -7.02 26.38 19.05
N LYS C 118 -6.65 27.29 19.95
CA LYS C 118 -6.97 27.14 21.37
C LYS C 118 -8.48 27.07 21.57
N GLY C 119 -9.21 27.93 20.86
CA GLY C 119 -10.67 27.91 20.88
C GLY C 119 -11.26 26.57 20.49
N ARG C 120 -10.71 25.98 19.43
CA ARG C 120 -11.18 24.71 18.91
C ARG C 120 -10.89 23.56 19.88
N ILE C 121 -9.74 23.63 20.54
CA ILE C 121 -9.34 22.64 21.56
C ILE C 121 -10.37 22.56 22.67
N ILE C 122 -10.79 23.73 23.15
CA ILE C 122 -11.74 23.82 24.26
C ILE C 122 -13.06 23.15 23.86
N LEU C 123 -13.51 23.49 22.66
CA LEU C 123 -14.74 22.92 22.10
C LEU C 123 -14.63 21.40 22.04
N GLU C 124 -13.49 20.92 21.58
CA GLU C 124 -13.25 19.48 21.44
C GLU C 124 -13.21 18.75 22.79
N ILE C 125 -12.54 19.35 23.79
CA ILE C 125 -12.52 18.79 25.14
C ILE C 125 -13.94 18.68 25.68
N ILE C 126 -14.73 19.74 25.48
CA ILE C 126 -16.14 19.76 25.87
C ILE C 126 -16.93 18.65 25.16
N GLU C 127 -16.81 18.59 23.83
CA GLU C 127 -17.44 17.53 23.04
C GLU C 127 -17.09 16.14 23.57
N GLY C 128 -15.81 15.93 23.86
CA GLY C 128 -15.33 14.65 24.36
C GLY C 128 -15.86 14.33 25.73
N MET C 129 -15.77 15.29 26.64
CA MET C 129 -16.25 15.10 28.02
C MET C 129 -17.76 14.86 28.04
N ALA C 130 -18.49 15.59 27.21
CA ALA C 130 -19.94 15.41 27.08
C ALA C 130 -20.28 13.98 26.71
N TYR C 131 -19.62 13.47 25.67
CA TYR C 131 -19.81 12.08 25.25
C TYR C 131 -19.62 11.10 26.42
N LEU C 132 -18.56 11.29 27.20
CA LEU C 132 -18.21 10.37 28.29
C LEU C 132 -19.24 10.36 29.42
N HIS C 133 -19.70 11.54 29.83
CA HIS C 133 -20.75 11.63 30.84
C HIS C 133 -22.06 11.04 30.32
N GLY C 134 -22.28 11.13 29.00
CA GLY C 134 -23.43 10.50 28.36
C GLY C 134 -23.39 8.98 28.35
N LYS C 135 -22.20 8.41 28.53
CA LYS C 135 -22.03 6.96 28.67
C LYS C 135 -21.97 6.49 30.12
N GLY C 136 -22.11 7.42 31.08
CA GLY C 136 -22.03 7.10 32.49
C GLY C 136 -20.59 6.96 32.99
N VAL C 137 -19.65 7.49 32.22
CA VAL C 137 -18.23 7.43 32.56
C VAL C 137 -17.81 8.77 33.15
N ILE C 138 -17.54 8.78 34.45
CA ILE C 138 -17.01 9.96 35.11
C ILE C 138 -15.50 9.93 35.08
N HIS C 139 -14.89 10.92 34.44
CA HIS C 139 -13.44 11.05 34.42
C HIS C 139 -13.02 11.66 35.75
N LYS C 140 -12.28 10.90 36.55
CA LYS C 140 -11.89 11.34 37.89
C LYS C 140 -10.52 11.98 37.91
N ASP C 141 -9.95 12.22 36.74
CA ASP C 141 -8.56 12.66 36.62
C ASP C 141 -8.32 13.42 35.31
N LEU C 142 -9.27 14.30 34.96
CA LEU C 142 -9.13 15.16 33.80
C LEU C 142 -8.06 16.18 34.11
N LYS C 143 -7.07 16.28 33.22
CA LYS C 143 -5.94 17.19 33.38
C LYS C 143 -5.23 17.31 32.03
N PRO C 144 -4.32 18.29 31.87
CA PRO C 144 -3.62 18.44 30.59
C PRO C 144 -2.88 17.18 30.14
N GLU C 145 -2.24 16.48 31.08
CA GLU C 145 -1.58 15.19 30.79
C GLU C 145 -2.50 14.18 30.13
N ASN C 146 -3.77 14.17 30.54
CA ASN C 146 -4.79 13.27 29.97
C ASN C 146 -5.53 13.84 28.77
N ILE C 147 -4.97 14.88 28.15
CA ILE C 147 -5.54 15.46 26.94
C ILE C 147 -4.46 15.47 25.86
N LEU C 148 -4.61 14.55 24.91
CA LEU C 148 -3.57 14.29 23.91
C LEU C 148 -3.86 15.05 22.61
N VAL C 149 -2.81 15.34 21.85
CA VAL C 149 -2.88 16.23 20.70
C VAL C 149 -2.19 15.60 19.48
N ASP C 150 -2.86 15.64 18.33
CA ASP C 150 -2.29 15.14 17.07
C ASP C 150 -1.63 16.28 16.27
N ASN C 151 -1.08 15.97 15.10
CA ASN C 151 -0.30 16.95 14.31
C ASN C 151 -1.11 18.06 13.63
N ASP C 152 -2.44 17.93 13.61
CA ASP C 152 -3.30 18.99 13.08
C ASP C 152 -3.96 19.76 14.23
N PHE C 153 -3.43 19.57 15.43
CA PHE C 153 -3.88 20.25 16.66
C PHE C 153 -5.25 19.81 17.20
N HIS C 154 -5.84 18.75 16.64
CA HIS C 154 -7.06 18.16 17.20
C HIS C 154 -6.68 17.32 18.41
N ILE C 155 -7.65 17.10 19.31
CA ILE C 155 -7.34 16.44 20.59
C ILE C 155 -8.22 15.23 20.89
N LYS C 156 -7.73 14.41 21.82
CA LYS C 156 -8.47 13.26 22.33
C LYS C 156 -8.27 13.16 23.84
N ILE C 157 -9.35 12.94 24.57
CA ILE C 157 -9.28 12.74 26.01
C ILE C 157 -8.91 11.29 26.29
N ALA C 158 -7.91 11.11 27.16
CA ALA C 158 -7.38 9.80 27.50
C ALA C 158 -7.59 9.51 28.99
N ASP C 159 -7.18 8.32 29.40
CA ASP C 159 -7.21 7.90 30.78
C ASP C 159 -5.94 7.10 31.06
N LEU C 160 -4.80 7.78 31.00
CA LEU C 160 -3.47 7.15 31.13
C LEU C 160 -3.25 6.51 32.51
N GLY C 161 -3.84 7.13 33.54
CA GLY C 161 -3.80 6.59 34.91
C GLY C 161 -4.83 5.50 35.21
N LEU C 162 -5.74 5.26 34.27
CA LEU C 162 -6.71 4.15 34.33
C LEU C 162 -7.65 4.24 35.54
N ALA C 163 -8.17 5.43 35.78
CA ALA C 163 -9.07 5.68 36.92
C ALA C 163 -10.43 5.00 36.75
N SER C 164 -10.91 4.90 35.52
CA SER C 164 -12.20 4.27 35.23
C SER C 164 -12.08 2.74 35.22
N PHE C 165 -10.95 2.24 34.74
CA PHE C 165 -10.75 0.80 34.52
C PHE C 165 -9.90 0.24 35.64
N LYS C 166 -10.60 -0.25 36.66
CA LYS C 166 -10.06 -0.35 38.01
C LYS C 166 -9.13 -1.55 38.14
N MET C 167 -9.49 -2.67 37.52
CA MET C 167 -8.65 -3.85 37.55
C MET C 167 -7.34 -3.67 36.79
N TRP C 168 -7.40 -3.07 35.60
CA TRP C 168 -6.19 -2.75 34.83
C TRP C 168 -5.28 -1.78 35.59
N SER C 169 -5.86 -0.92 36.42
CA SER C 169 -5.08 -0.07 37.31
C SER C 169 -4.53 -0.87 38.49
N LYS C 170 -5.40 -1.68 39.11
CA LYS C 170 -4.98 -2.60 40.17
C LYS C 170 -3.88 -3.56 39.70
N LEU C 171 -3.93 -3.92 38.42
CA LEU C 171 -2.86 -4.73 37.81
C LEU C 171 -1.52 -4.01 37.95
N ASN C 172 -1.56 -2.68 37.84
CA ASN C 172 -0.41 -1.84 38.18
C ASN C 172 -0.26 -1.75 39.71
N GLY C 191 -0.44 11.58 41.32
CA GLY C 191 -1.42 12.37 40.57
C GLY C 191 -1.47 13.82 41.00
N THR C 192 -2.03 14.67 40.15
CA THR C 192 -2.09 16.11 40.41
C THR C 192 -3.23 16.46 41.35
N LEU C 193 -2.96 17.38 42.27
CA LEU C 193 -3.99 17.96 43.11
C LEU C 193 -4.55 19.23 42.45
N TYR C 194 -3.83 19.77 41.48
CA TYR C 194 -4.18 21.05 40.85
C TYR C 194 -5.56 21.08 40.20
N TYR C 195 -6.02 19.93 39.70
CA TYR C 195 -7.26 19.85 38.93
C TYR C 195 -8.36 19.11 39.69
N MET C 196 -8.10 18.84 40.97
CA MET C 196 -9.04 18.11 41.82
C MET C 196 -9.97 19.11 42.50
N ALA C 197 -11.27 18.87 42.37
CA ALA C 197 -12.27 19.72 43.02
C ALA C 197 -12.12 19.65 44.53
N PRO C 198 -12.38 20.77 45.22
CA PRO C 198 -12.11 20.87 46.68
C PRO C 198 -12.88 19.89 47.55
N GLU C 199 -14.08 19.50 47.11
CA GLU C 199 -14.84 18.48 47.84
C GLU C 199 -14.09 17.14 47.93
N HIS C 200 -13.18 16.87 46.99
CA HIS C 200 -12.37 15.65 47.00
C HIS C 200 -11.04 15.78 47.73
N LEU C 201 -10.53 17.00 47.84
CA LEU C 201 -9.28 17.26 48.57
C LEU C 201 -9.44 16.95 50.06
N ASN C 202 -8.57 16.10 50.58
CA ASN C 202 -8.54 15.72 51.99
C ASN C 202 -9.79 14.95 52.47
N ASP C 203 -10.46 14.27 51.53
CA ASP C 203 -11.67 13.51 51.83
C ASP C 203 -11.81 12.35 50.85
N VAL C 204 -11.71 11.13 51.37
CA VAL C 204 -11.67 9.93 50.54
C VAL C 204 -13.06 9.42 50.21
N ASN C 205 -14.01 9.62 51.12
CA ASN C 205 -15.35 9.03 50.99
C ASN C 205 -16.31 9.74 50.03
N ALA C 206 -15.95 10.96 49.59
CA ALA C 206 -16.78 11.71 48.65
C ALA C 206 -16.73 11.09 47.25
N LYS C 207 -17.87 10.61 46.78
CA LYS C 207 -17.98 9.93 45.49
C LYS C 207 -17.96 10.97 44.37
N PRO C 208 -17.14 10.76 43.33
CA PRO C 208 -17.05 11.75 42.25
C PRO C 208 -18.32 11.83 41.40
N THR C 209 -18.55 12.99 40.80
CA THR C 209 -19.74 13.24 40.00
C THR C 209 -19.38 13.97 38.71
N GLU C 210 -20.37 14.15 37.84
CA GLU C 210 -20.20 14.91 36.60
C GLU C 210 -19.59 16.30 36.88
N LYS C 211 -19.93 16.90 38.00
CA LYS C 211 -19.48 18.25 38.34
C LYS C 211 -18.03 18.33 38.82
N SER C 212 -17.46 17.20 39.25
CA SER C 212 -16.10 17.17 39.77
C SER C 212 -15.03 17.26 38.68
N ASP C 213 -15.36 16.89 37.46
CA ASP C 213 -14.44 17.10 36.32
C ASP C 213 -14.82 18.33 35.48
N VAL C 214 -15.99 18.91 35.71
CA VAL C 214 -16.27 20.27 35.24
C VAL C 214 -15.31 21.22 35.94
N TYR C 215 -15.05 20.97 37.23
CA TYR C 215 -14.02 21.70 37.98
C TYR C 215 -12.65 21.58 37.33
N SER C 216 -12.27 20.34 37.01
CA SER C 216 -10.99 20.06 36.37
C SER C 216 -10.87 20.83 35.05
N PHE C 217 -11.93 20.76 34.26
CA PHE C 217 -12.01 21.47 32.98
C PHE C 217 -11.72 22.96 33.15
N ALA C 218 -12.28 23.55 34.21
CA ALA C 218 -12.05 24.95 34.54
C ALA C 218 -10.57 25.26 34.68
N VAL C 219 -9.85 24.42 35.41
CA VAL C 219 -8.43 24.62 35.64
C VAL C 219 -7.66 24.35 34.35
N VAL C 220 -8.10 23.38 33.57
CA VAL C 220 -7.53 23.13 32.24
C VAL C 220 -7.67 24.38 31.36
N LEU C 221 -8.84 25.02 31.42
CA LEU C 221 -9.06 26.27 30.69
C LEU C 221 -8.04 27.34 31.05
N TRP C 222 -7.84 27.55 32.35
CA TRP C 222 -6.87 28.52 32.84
C TRP C 222 -5.47 28.22 32.30
N ALA C 223 -5.08 26.95 32.35
CA ALA C 223 -3.78 26.50 31.87
C ALA C 223 -3.58 26.75 30.37
N ILE C 224 -4.67 26.61 29.61
CA ILE C 224 -4.63 26.86 28.17
C ILE C 224 -4.23 28.30 27.85
N PHE C 225 -4.74 29.25 28.63
CA PHE C 225 -4.42 30.66 28.40
C PHE C 225 -3.24 31.17 29.21
N ALA C 226 -2.89 30.44 30.28
CA ALA C 226 -1.69 30.75 31.07
C ALA C 226 -0.43 30.11 30.47
N ASN C 227 -0.60 29.07 29.66
CA ASN C 227 0.51 28.30 29.08
C ASN C 227 1.42 27.66 30.13
N LYS C 228 0.86 27.32 31.29
CA LYS C 228 1.61 26.70 32.38
C LYS C 228 0.69 26.10 33.44
N GLU C 229 1.28 25.36 34.37
CA GLU C 229 0.54 24.80 35.51
C GLU C 229 0.20 25.93 36.49
N PRO C 230 -0.92 25.78 37.24
CA PRO C 230 -1.29 26.77 38.23
C PRO C 230 -0.58 26.60 39.57
N TYR C 231 -0.66 27.64 40.39
CA TYR C 231 -0.17 27.62 41.78
C TYR C 231 1.36 27.55 41.90
N GLU C 232 2.06 28.21 40.99
CA GLU C 232 3.53 28.12 40.93
C GLU C 232 4.25 28.63 42.19
N ASN C 233 3.59 29.49 42.96
CA ASN C 233 4.17 30.04 44.19
C ASN C 233 3.84 29.24 45.45
N ALA C 234 3.14 28.11 45.30
CA ALA C 234 2.89 27.21 46.42
C ALA C 234 4.21 26.67 46.99
N ILE C 235 4.25 26.48 48.30
CA ILE C 235 5.45 26.02 48.99
C ILE C 235 5.32 24.59 49.48
N ALA C 236 4.16 24.25 50.02
CA ALA C 236 3.91 22.91 50.56
C ALA C 236 2.58 22.36 50.07
N GLU C 237 2.40 21.05 50.22
CA GLU C 237 1.17 20.38 49.80
C GLU C 237 0.01 20.69 50.74
N GLN C 238 0.28 20.71 52.04
CA GLN C 238 -0.74 21.00 53.04
C GLN C 238 -1.24 22.45 52.93
N GLN C 239 -0.33 23.36 52.55
CA GLN C 239 -0.70 24.75 52.25
C GLN C 239 -1.70 24.78 51.11
N LEU C 240 -1.32 24.16 49.99
CA LEU C 240 -2.11 24.18 48.77
C LEU C 240 -3.50 23.58 48.95
N ILE C 241 -3.58 22.42 49.61
CA ILE C 241 -4.84 21.72 49.79
C ILE C 241 -5.82 22.57 50.61
N MET C 242 -5.39 22.98 51.80
CA MET C 242 -6.21 23.83 52.66
C MET C 242 -6.61 25.13 51.98
N ALA C 243 -5.65 25.74 51.26
CA ALA C 243 -5.90 27.00 50.57
C ALA C 243 -7.00 26.86 49.53
N ILE C 244 -6.93 25.83 48.71
CA ILE C 244 -7.94 25.57 47.69
C ILE C 244 -9.28 25.25 48.34
N LYS C 245 -9.25 24.46 49.42
CA LYS C 245 -10.46 24.18 50.21
C LYS C 245 -11.10 25.45 50.79
N SER C 246 -10.27 26.43 51.12
CA SER C 246 -10.74 27.72 51.65
C SER C 246 -11.15 28.71 50.56
N GLY C 247 -11.04 28.30 49.30
CA GLY C 247 -11.51 29.10 48.17
C GLY C 247 -10.47 29.65 47.23
N ASN C 248 -9.19 29.34 47.46
CA ASN C 248 -8.12 29.78 46.55
C ASN C 248 -8.28 29.14 45.18
N ARG C 249 -7.92 29.90 44.15
CA ARG C 249 -8.03 29.45 42.77
C ARG C 249 -6.81 29.93 41.98
N PRO C 250 -6.64 29.45 40.74
CA PRO C 250 -5.51 29.95 39.96
C PRO C 250 -5.58 31.46 39.74
N ASP C 251 -4.43 32.11 39.83
CA ASP C 251 -4.32 33.54 39.65
C ASP C 251 -4.70 33.92 38.22
N VAL C 252 -5.88 34.51 38.05
CA VAL C 252 -6.38 34.92 36.73
C VAL C 252 -5.54 36.05 36.14
N ASP C 253 -4.99 36.91 36.99
CA ASP C 253 -4.14 38.02 36.55
C ASP C 253 -2.73 37.57 36.14
N ASP C 254 -2.42 36.28 36.34
CA ASP C 254 -1.17 35.72 35.86
C ASP C 254 -1.28 35.36 34.37
N ILE C 255 -2.50 35.34 33.83
CA ILE C 255 -2.72 35.20 32.39
C ILE C 255 -2.22 36.46 31.68
N THR C 256 -1.06 36.34 31.02
CA THR C 256 -0.45 37.47 30.32
C THR C 256 -1.04 37.66 28.92
N GLU C 257 -1.45 36.57 28.27
CA GLU C 257 -2.10 36.64 26.94
C GLU C 257 -3.46 37.32 26.98
N TYR C 258 -3.98 37.62 25.80
CA TYR C 258 -5.38 38.02 25.65
C TYR C 258 -6.26 36.78 25.85
N CYS C 259 -7.19 36.87 26.81
CA CYS C 259 -8.16 35.81 27.07
C CYS C 259 -9.56 36.42 27.08
N PRO C 260 -10.45 35.98 26.16
CA PRO C 260 -11.80 36.53 26.11
C PRO C 260 -12.50 36.49 27.47
N ARG C 261 -13.29 37.52 27.76
CA ARG C 261 -13.95 37.64 29.05
C ARG C 261 -14.99 36.54 29.26
N GLU C 262 -15.59 36.06 28.17
CA GLU C 262 -16.53 34.95 28.23
C GLU C 262 -15.84 33.66 28.71
N ILE C 263 -14.56 33.50 28.36
CA ILE C 263 -13.79 32.34 28.80
C ILE C 263 -13.38 32.48 30.26
N ILE C 264 -13.02 33.69 30.68
CA ILE C 264 -12.71 33.96 32.08
C ILE C 264 -13.96 33.79 32.95
N SER C 265 -15.11 34.19 32.42
CA SER C 265 -16.39 33.90 33.08
C SER C 265 -16.58 32.39 33.22
N LEU C 266 -16.34 31.67 32.14
CA LEU C 266 -16.56 30.23 32.11
C LEU C 266 -15.72 29.48 33.15
N MET C 267 -14.43 29.76 33.21
CA MET C 267 -13.56 29.08 34.17
C MET C 267 -13.95 29.41 35.61
N LYS C 268 -14.30 30.67 35.86
CA LYS C 268 -14.77 31.09 37.19
C LYS C 268 -16.09 30.41 37.57
N LEU C 269 -16.99 30.27 36.60
CA LEU C 269 -18.26 29.57 36.83
C LEU C 269 -17.96 28.09 37.14
N CYS C 270 -17.10 27.50 36.33
CA CYS C 270 -16.84 26.06 36.42
C CYS C 270 -16.06 25.62 37.65
N TRP C 271 -15.24 26.50 38.23
CA TRP C 271 -14.53 26.13 39.48
C TRP C 271 -15.17 26.66 40.78
N GLU C 272 -16.46 26.96 40.72
CA GLU C 272 -17.22 27.33 41.92
C GLU C 272 -17.10 26.27 43.01
N ALA C 273 -16.88 26.72 44.25
CA ALA C 273 -16.80 25.83 45.41
C ALA C 273 -17.97 24.85 45.44
N ASN C 274 -19.17 25.38 45.25
CA ASN C 274 -20.39 24.59 45.26
C ASN C 274 -20.56 23.79 43.95
N PRO C 275 -20.63 22.45 44.04
CA PRO C 275 -20.84 21.64 42.83
C PRO C 275 -22.16 21.93 42.09
N GLU C 276 -23.24 22.22 42.82
CA GLU C 276 -24.54 22.52 42.19
C GLU C 276 -24.51 23.77 41.31
N ALA C 277 -23.64 24.72 41.65
CA ALA C 277 -23.46 25.95 40.89
C ALA C 277 -22.73 25.76 39.56
N ARG C 278 -21.98 24.66 39.45
CA ARG C 278 -21.23 24.37 38.24
C ARG C 278 -22.15 23.85 37.14
N PRO C 279 -21.90 24.26 35.89
CA PRO C 279 -22.73 23.80 34.79
C PRO C 279 -22.35 22.39 34.35
N THR C 280 -23.15 21.80 33.47
CA THR C 280 -22.82 20.51 32.87
C THR C 280 -22.18 20.76 31.50
N PHE C 281 -21.45 19.76 31.01
CA PHE C 281 -20.74 19.90 29.73
C PHE C 281 -21.68 20.12 28.54
N PRO C 282 -22.84 19.45 28.52
CA PRO C 282 -23.83 19.78 27.50
C PRO C 282 -24.27 21.24 27.58
N GLY C 283 -24.46 21.74 28.80
CA GLY C 283 -24.78 23.16 29.03
C GLY C 283 -23.69 24.09 28.55
N ILE C 284 -22.45 23.77 28.89
CA ILE C 284 -21.29 24.54 28.42
C ILE C 284 -21.23 24.53 26.90
N GLU C 285 -21.36 23.34 26.31
CA GLU C 285 -21.32 23.16 24.85
C GLU C 285 -22.32 24.05 24.13
N GLU C 286 -23.53 24.15 24.68
CA GLU C 286 -24.58 24.99 24.09
C GLU C 286 -24.16 26.43 23.89
N LYS C 287 -23.42 26.95 24.86
CA LYS C 287 -23.01 28.36 24.86
C LYS C 287 -21.64 28.56 24.20
N PHE C 288 -20.78 27.54 24.24
CA PHE C 288 -19.43 27.68 23.69
C PHE C 288 -19.37 27.46 22.18
N ARG C 289 -20.20 26.56 21.65
CA ARG C 289 -20.18 26.25 20.22
C ARG C 289 -20.52 27.46 19.35
N PRO C 290 -21.63 28.17 19.65
CA PRO C 290 -21.93 29.37 18.88
C PRO C 290 -20.91 30.48 19.11
N PHE C 291 -20.43 30.59 20.35
CA PHE C 291 -19.40 31.57 20.70
C PHE C 291 -18.14 31.33 19.86
N TYR C 292 -17.67 30.09 19.84
CA TYR C 292 -16.47 29.72 19.09
C TYR C 292 -16.57 30.06 17.60
N LEU C 293 -17.65 29.62 16.96
CA LEU C 293 -17.86 29.83 15.53
C LEU C 293 -17.94 31.31 15.13
N SER C 294 -18.57 32.11 15.98
CA SER C 294 -18.77 33.53 15.70
C SER C 294 -17.54 34.37 16.04
N GLN C 295 -16.91 34.06 17.16
CA GLN C 295 -15.86 34.92 17.72
C GLN C 295 -14.43 34.41 17.51
N LEU C 296 -14.22 33.12 17.72
CA LEU C 296 -12.87 32.56 17.82
C LEU C 296 -12.28 32.02 16.52
N GLU C 297 -13.10 31.41 15.67
CA GLU C 297 -12.60 30.75 14.46
C GLU C 297 -12.14 31.78 13.42
N MET D 8 -47.46 6.13 28.94
CA MET D 8 -46.94 7.50 28.58
C MET D 8 -45.45 7.55 28.22
N SER D 9 -44.67 6.54 28.60
CA SER D 9 -43.25 6.44 28.22
C SER D 9 -43.00 6.52 26.72
N LEU D 10 -44.03 6.23 25.93
CA LEU D 10 -43.97 6.34 24.46
C LEU D 10 -43.89 7.81 23.97
N ASN D 11 -44.23 8.76 24.83
CA ASN D 11 -44.39 10.17 24.42
C ASN D 11 -43.10 10.99 24.21
N VAL D 12 -41.95 10.34 24.24
CA VAL D 12 -40.67 11.04 24.10
C VAL D 12 -40.45 11.59 22.69
N ILE D 13 -41.08 10.95 21.69
CA ILE D 13 -40.94 11.39 20.29
C ILE D 13 -42.27 11.87 19.67
N LYS D 14 -43.26 12.12 20.52
CA LYS D 14 -44.52 12.73 20.09
C LYS D 14 -44.32 14.22 19.88
N MET D 15 -44.38 14.67 18.62
CA MET D 15 -44.26 16.09 18.28
C MET D 15 -45.57 16.66 17.74
N LYS D 16 -45.83 17.92 18.07
CA LYS D 16 -47.05 18.61 17.64
C LYS D 16 -46.72 19.63 16.55
N SER D 17 -47.76 20.13 15.89
CA SER D 17 -47.61 21.20 14.89
C SER D 17 -47.23 22.52 15.55
N SER D 18 -47.78 22.77 16.74
CA SER D 18 -47.51 24.00 17.49
C SER D 18 -46.07 24.10 18.02
N ASP D 19 -45.39 22.96 18.12
CA ASP D 19 -43.97 22.93 18.47
C ASP D 19 -43.11 23.60 17.40
N PHE D 20 -43.61 23.63 16.16
CA PHE D 20 -42.96 24.30 15.06
C PHE D 20 -43.60 25.66 14.80
N LEU D 21 -42.79 26.61 14.33
CA LEU D 21 -43.21 28.00 14.15
C LEU D 21 -43.94 28.15 12.82
N GLU D 22 -43.28 27.75 11.74
CA GLU D 22 -43.85 27.74 10.40
C GLU D 22 -42.89 27.01 9.47
N SER D 23 -43.42 26.04 8.70
CA SER D 23 -42.60 25.28 7.76
C SER D 23 -42.27 26.09 6.51
N ALA D 24 -41.17 25.73 5.85
CA ALA D 24 -40.70 26.42 4.64
C ALA D 24 -41.38 25.86 3.40
N GLY D 32 -37.98 15.93 -2.63
CA GLY D 32 -39.37 16.03 -3.05
C GLY D 32 -40.12 17.12 -2.30
N LYS D 33 -41.28 16.75 -1.73
CA LYS D 33 -42.11 17.68 -0.96
C LYS D 33 -41.69 17.69 0.52
N VAL D 34 -40.45 18.10 0.76
CA VAL D 34 -39.82 17.99 2.06
C VAL D 34 -39.78 19.35 2.74
N SER D 35 -40.45 19.45 3.89
CA SER D 35 -40.51 20.70 4.65
C SER D 35 -39.23 20.93 5.44
N LEU D 36 -38.94 22.19 5.72
CA LEU D 36 -37.80 22.57 6.57
C LEU D 36 -38.35 23.37 7.76
N ALA D 37 -38.64 22.66 8.84
CA ALA D 37 -39.36 23.25 9.98
C ALA D 37 -38.44 23.79 11.07
N PHE D 38 -38.97 24.73 11.84
CA PHE D 38 -38.23 25.42 12.90
C PHE D 38 -38.83 25.09 14.26
N HIS D 39 -38.21 24.16 14.97
CA HIS D 39 -38.66 23.79 16.32
C HIS D 39 -38.21 24.86 17.32
N ARG D 40 -39.03 25.10 18.34
CA ARG D 40 -38.80 26.19 19.30
C ARG D 40 -37.49 26.07 20.07
N THR D 41 -37.40 25.05 20.93
CA THR D 41 -36.23 24.83 21.76
C THR D 41 -35.16 24.03 21.04
N GLN D 42 -35.53 22.83 20.57
CA GLN D 42 -34.60 21.89 19.94
C GLN D 42 -33.92 22.38 18.65
N GLY D 43 -34.50 23.36 17.98
CA GLY D 43 -33.82 24.06 16.88
C GLY D 43 -34.39 23.80 15.50
N LEU D 44 -33.50 23.71 14.51
CA LEU D 44 -33.90 23.55 13.11
C LEU D 44 -33.80 22.08 12.66
N MET D 45 -34.77 21.66 11.86
CA MET D 45 -34.92 20.25 11.48
C MET D 45 -35.46 20.11 10.05
N ILE D 46 -35.41 18.89 9.53
CA ILE D 46 -36.03 18.55 8.25
C ILE D 46 -37.28 17.70 8.54
N MET D 47 -38.40 18.12 7.95
CA MET D 47 -39.68 17.45 8.16
C MET D 47 -40.24 16.94 6.83
N LYS D 48 -40.83 15.75 6.87
CA LYS D 48 -41.51 15.18 5.71
C LYS D 48 -42.90 14.75 6.13
N THR D 49 -43.91 15.35 5.49
CA THR D 49 -45.28 14.85 5.63
C THR D 49 -45.42 13.66 4.67
N VAL D 50 -45.97 12.57 5.19
CA VAL D 50 -46.07 11.32 4.44
C VAL D 50 -47.47 11.11 3.85
N TYR D 51 -48.51 11.44 4.63
CA TYR D 51 -49.88 11.14 4.24
C TYR D 51 -50.84 12.30 4.57
N LYS D 52 -51.76 12.56 3.63
CA LYS D 52 -52.92 13.42 3.87
C LYS D 52 -54.16 12.67 3.40
N GLY D 53 -55.29 12.95 4.04
CA GLY D 53 -56.54 12.22 3.80
C GLY D 53 -56.97 11.48 5.06
N PRO D 54 -58.02 10.64 4.95
CA PRO D 54 -58.79 10.01 6.03
C PRO D 54 -58.29 10.15 7.50
N ASN D 55 -58.39 9.08 8.28
CA ASN D 55 -58.08 9.08 9.71
C ASN D 55 -58.33 7.65 10.22
N CYS D 56 -57.36 6.78 10.00
CA CYS D 56 -57.55 5.34 10.17
C CYS D 56 -57.64 4.88 11.63
N ILE D 57 -56.79 5.44 12.49
CA ILE D 57 -56.79 5.16 13.94
C ILE D 57 -56.28 3.76 14.33
N GLU D 58 -56.73 2.73 13.61
CA GLU D 58 -56.45 1.32 13.97
C GLU D 58 -54.96 1.02 14.10
N HIS D 59 -54.23 0.99 12.98
CA HIS D 59 -52.77 0.90 13.04
C HIS D 59 -52.18 2.31 13.06
N ASN D 60 -51.42 2.55 14.11
CA ASN D 60 -51.19 3.88 14.68
C ASN D 60 -50.47 3.67 16.01
N GLU D 61 -50.95 2.68 16.77
CA GLU D 61 -50.28 2.17 17.96
C GLU D 61 -48.88 1.63 17.61
N ALA D 62 -48.82 0.84 16.55
CA ALA D 62 -47.56 0.23 16.10
C ALA D 62 -46.61 1.21 15.43
N LEU D 63 -47.16 2.21 14.73
CA LEU D 63 -46.35 3.25 14.09
C LEU D 63 -45.48 4.00 15.10
N LEU D 64 -46.02 4.23 16.29
CA LEU D 64 -45.27 4.87 17.36
C LEU D 64 -44.22 3.91 17.93
N GLU D 65 -44.61 2.66 18.13
CA GLU D 65 -43.69 1.63 18.61
C GLU D 65 -42.55 1.35 17.62
N GLU D 66 -42.84 1.55 16.33
CA GLU D 66 -41.80 1.48 15.30
C GLU D 66 -40.91 2.72 15.36
N ALA D 67 -41.52 3.88 15.54
CA ALA D 67 -40.79 5.15 15.58
C ALA D 67 -39.80 5.26 16.76
N LYS D 68 -40.16 4.68 17.91
CA LYS D 68 -39.27 4.70 19.08
C LYS D 68 -38.12 3.69 18.89
N MET D 69 -38.44 2.57 18.25
CA MET D 69 -37.43 1.59 17.83
C MET D 69 -36.56 2.18 16.72
N MET D 70 -37.20 2.94 15.83
CA MET D 70 -36.51 3.74 14.79
C MET D 70 -35.60 4.78 15.44
N ASN D 71 -36.08 5.38 16.53
CA ASN D 71 -35.34 6.40 17.28
C ASN D 71 -34.12 5.85 18.04
N ARG D 72 -34.18 4.58 18.43
CA ARG D 72 -33.06 3.93 19.14
C ARG D 72 -31.79 3.79 18.29
N LEU D 73 -31.93 3.86 16.97
CA LEU D 73 -30.77 3.87 16.08
C LEU D 73 -30.03 5.21 16.19
N ARG D 74 -29.01 5.23 17.05
CA ARG D 74 -28.26 6.45 17.35
C ARG D 74 -26.76 6.25 17.16
N HIS D 75 -26.19 7.04 16.26
CA HIS D 75 -24.77 6.94 15.90
C HIS D 75 -24.42 8.20 15.11
N SER D 76 -23.22 8.72 15.33
CA SER D 76 -22.78 9.98 14.68
C SER D 76 -22.79 9.91 13.15
N ARG D 77 -22.71 8.70 12.60
CA ARG D 77 -22.76 8.47 11.15
C ARG D 77 -24.12 7.95 10.65
N VAL D 78 -25.15 8.01 11.50
CA VAL D 78 -26.49 7.52 11.13
C VAL D 78 -27.56 8.57 11.47
N VAL D 79 -28.49 8.77 10.54
CA VAL D 79 -29.61 9.70 10.73
C VAL D 79 -30.48 9.28 11.91
N LYS D 80 -30.95 10.28 12.66
CA LYS D 80 -31.75 10.05 13.87
C LYS D 80 -33.15 10.63 13.67
N LEU D 81 -34.17 9.81 13.93
CA LEU D 81 -35.55 10.29 13.94
C LEU D 81 -35.76 11.13 15.20
N LEU D 82 -35.86 12.44 15.04
CA LEU D 82 -35.98 13.35 16.18
C LEU D 82 -37.39 13.37 16.76
N GLY D 83 -38.40 13.16 15.91
CA GLY D 83 -39.78 13.06 16.38
C GLY D 83 -40.77 12.74 15.27
N VAL D 84 -42.01 12.45 15.66
CA VAL D 84 -43.08 12.14 14.71
C VAL D 84 -44.32 12.97 15.01
N ILE D 85 -45.11 13.23 13.96
CA ILE D 85 -46.36 13.97 14.10
C ILE D 85 -47.52 13.12 13.58
N ILE D 86 -48.42 12.77 14.49
CA ILE D 86 -49.66 12.09 14.15
C ILE D 86 -50.82 13.00 14.52
N GLU D 87 -51.58 13.41 13.51
CA GLU D 87 -52.76 14.28 13.71
C GLU D 87 -53.92 13.79 12.82
N GLU D 88 -55.03 14.51 12.82
CA GLU D 88 -56.23 14.16 12.03
C GLU D 88 -55.91 13.56 10.65
N GLY D 89 -55.52 14.41 9.70
CA GLY D 89 -55.19 13.96 8.35
C GLY D 89 -53.78 14.35 7.97
N LYS D 90 -52.83 14.10 8.87
CA LYS D 90 -51.44 14.51 8.66
C LYS D 90 -50.47 13.65 9.46
N TYR D 91 -49.72 12.81 8.76
CA TYR D 91 -48.66 11.99 9.36
C TYR D 91 -47.31 12.50 8.87
N SER D 92 -46.39 12.78 9.80
CA SER D 92 -45.10 13.38 9.45
C SER D 92 -43.95 12.79 10.25
N LEU D 93 -42.74 12.95 9.70
CA LEU D 93 -41.51 12.52 10.37
C LEU D 93 -40.55 13.71 10.43
N VAL D 94 -39.64 13.67 11.40
CA VAL D 94 -38.68 14.76 11.62
C VAL D 94 -37.29 14.22 11.89
N MET D 95 -36.30 14.69 11.13
CA MET D 95 -34.90 14.29 11.29
C MET D 95 -33.99 15.53 11.36
N GLU D 96 -32.69 15.29 11.54
CA GLU D 96 -31.73 16.40 11.66
C GLU D 96 -31.53 17.10 10.32
N TYR D 97 -31.06 18.34 10.38
CA TYR D 97 -30.68 19.10 9.19
C TYR D 97 -29.28 18.69 8.75
N MET D 98 -29.13 18.49 7.44
CA MET D 98 -27.82 18.24 6.83
C MET D 98 -27.69 19.19 5.65
N GLU D 99 -26.75 20.12 5.75
CA GLU D 99 -26.71 21.29 4.86
C GLU D 99 -26.41 20.96 3.40
N LYS D 100 -25.33 20.22 3.17
CA LYS D 100 -24.82 19.98 1.81
C LYS D 100 -25.61 18.93 1.02
N GLY D 101 -26.60 18.31 1.63
CA GLY D 101 -27.50 17.40 0.92
C GLY D 101 -26.90 16.03 0.71
N ASN D 102 -27.29 15.37 -0.36
CA ASN D 102 -26.82 14.00 -0.63
C ASN D 102 -25.38 13.98 -1.15
N LEU D 103 -24.78 12.79 -1.09
CA LEU D 103 -23.38 12.60 -1.45
C LEU D 103 -23.08 12.93 -2.91
N MET D 104 -24.04 12.67 -3.79
CA MET D 104 -23.88 12.93 -5.22
C MET D 104 -23.92 14.42 -5.54
N HIS D 105 -24.80 15.16 -4.87
CA HIS D 105 -24.94 16.60 -5.10
C HIS D 105 -23.64 17.36 -4.81
N VAL D 106 -22.89 16.88 -3.82
CA VAL D 106 -21.59 17.46 -3.48
C VAL D 106 -20.63 17.33 -4.67
N LEU D 107 -20.58 16.12 -5.22
CA LEU D 107 -19.71 15.81 -6.35
C LEU D 107 -20.16 16.54 -7.62
N LYS D 108 -21.43 16.41 -7.95
CA LYS D 108 -21.98 16.98 -9.19
C LYS D 108 -22.08 18.51 -9.19
N ALA D 109 -22.08 19.13 -8.00
CA ALA D 109 -22.09 20.60 -7.91
C ALA D 109 -20.77 21.18 -8.40
N GLU D 110 -20.77 22.48 -8.67
CA GLU D 110 -19.63 23.16 -9.33
C GLU D 110 -18.33 23.12 -8.50
N MET D 111 -18.47 22.95 -7.18
CA MET D 111 -17.31 22.76 -6.29
C MET D 111 -16.86 21.30 -6.36
N SER D 112 -15.55 21.08 -6.55
CA SER D 112 -14.98 19.74 -6.60
C SER D 112 -14.49 19.30 -5.22
N THR D 113 -14.47 17.99 -4.99
CA THR D 113 -14.15 17.40 -3.69
C THR D 113 -12.73 16.81 -3.67
N PRO D 114 -11.95 17.12 -2.62
CA PRO D 114 -10.58 16.59 -2.52
C PRO D 114 -10.53 15.10 -2.15
N LEU D 115 -9.38 14.49 -2.42
CA LEU D 115 -9.21 13.04 -2.23
C LEU D 115 -9.09 12.64 -0.76
N SER D 116 -8.63 13.56 0.08
CA SER D 116 -8.47 13.29 1.51
C SER D 116 -9.82 13.12 2.22
N VAL D 117 -10.77 14.00 1.89
CA VAL D 117 -12.08 14.00 2.52
C VAL D 117 -12.91 12.79 2.11
N LYS D 118 -12.80 12.40 0.84
CA LYS D 118 -13.50 11.22 0.31
C LYS D 118 -13.16 9.97 1.13
N GLY D 119 -11.89 9.82 1.49
CA GLY D 119 -11.44 8.71 2.33
C GLY D 119 -12.11 8.69 3.69
N ARG D 120 -12.25 9.87 4.31
CA ARG D 120 -12.91 9.99 5.60
C ARG D 120 -14.40 9.66 5.48
N ILE D 121 -15.01 10.14 4.39
CA ILE D 121 -16.43 9.85 4.10
C ILE D 121 -16.67 8.36 3.95
N ILE D 122 -15.78 7.68 3.21
CA ILE D 122 -15.86 6.24 3.03
C ILE D 122 -15.72 5.51 4.36
N LEU D 123 -14.78 5.96 5.19
CA LEU D 123 -14.59 5.38 6.51
C LEU D 123 -15.84 5.57 7.36
N GLU D 124 -16.37 6.79 7.34
CA GLU D 124 -17.60 7.13 8.06
C GLU D 124 -18.79 6.28 7.58
N ILE D 125 -18.89 6.05 6.28
CA ILE D 125 -19.93 5.18 5.72
C ILE D 125 -19.83 3.76 6.27
N ILE D 126 -18.62 3.24 6.35
CA ILE D 126 -18.38 1.89 6.88
C ILE D 126 -18.80 1.80 8.34
N GLU D 127 -18.34 2.76 9.15
CA GLU D 127 -18.68 2.81 10.58
C GLU D 127 -20.19 2.76 10.80
N GLY D 128 -20.92 3.60 10.07
CA GLY D 128 -22.38 3.66 10.18
C GLY D 128 -23.08 2.39 9.72
N MET D 129 -22.60 1.81 8.63
CA MET D 129 -23.17 0.56 8.12
C MET D 129 -22.87 -0.63 9.02
N ALA D 130 -21.66 -0.63 9.61
CA ALA D 130 -21.29 -1.62 10.61
C ALA D 130 -22.21 -1.56 11.84
N TYR D 131 -22.53 -0.35 12.28
CA TYR D 131 -23.41 -0.13 13.43
C TYR D 131 -24.84 -0.62 13.15
N LEU D 132 -25.36 -0.26 11.98
CA LEU D 132 -26.71 -0.67 11.58
C LEU D 132 -26.86 -2.19 11.62
N HIS D 133 -25.85 -2.91 11.15
CA HIS D 133 -25.82 -4.37 11.28
C HIS D 133 -25.67 -4.81 12.73
N GLY D 134 -24.88 -4.08 13.51
CA GLY D 134 -24.72 -4.34 14.94
C GLY D 134 -26.02 -4.39 15.72
N LYS D 135 -26.96 -3.51 15.38
CA LYS D 135 -28.29 -3.48 16.00
C LYS D 135 -29.33 -4.32 15.25
N GLY D 136 -28.87 -5.11 14.28
CA GLY D 136 -29.74 -6.05 13.55
C GLY D 136 -30.61 -5.41 12.48
N VAL D 137 -30.10 -4.37 11.83
CA VAL D 137 -30.86 -3.64 10.82
C VAL D 137 -30.12 -3.67 9.48
N ILE D 138 -30.77 -4.26 8.48
CA ILE D 138 -30.23 -4.33 7.13
C ILE D 138 -30.74 -3.16 6.31
N HIS D 139 -29.82 -2.35 5.76
CA HIS D 139 -30.18 -1.31 4.80
C HIS D 139 -30.46 -2.01 3.48
N LYS D 140 -31.66 -1.86 2.96
CA LYS D 140 -32.05 -2.53 1.72
C LYS D 140 -31.82 -1.67 0.49
N ASP D 141 -31.99 -0.36 0.65
CA ASP D 141 -31.78 0.60 -0.43
C ASP D 141 -30.65 1.59 -0.11
N LEU D 142 -29.43 1.09 0.07
CA LEU D 142 -28.27 1.94 0.30
C LEU D 142 -27.73 2.49 -1.02
N LYS D 143 -27.49 3.80 -1.06
CA LYS D 143 -27.04 4.49 -2.26
C LYS D 143 -26.57 5.90 -1.91
N PRO D 144 -26.02 6.66 -2.88
CA PRO D 144 -25.56 8.02 -2.59
C PRO D 144 -26.65 9.03 -2.22
N GLU D 145 -27.87 8.83 -2.70
CA GLU D 145 -29.01 9.67 -2.30
C GLU D 145 -29.30 9.55 -0.79
N ASN D 146 -29.07 8.37 -0.23
CA ASN D 146 -29.29 8.12 1.18
C ASN D 146 -28.05 8.31 2.07
N ILE D 147 -27.06 9.04 1.56
CA ILE D 147 -25.89 9.42 2.33
C ILE D 147 -25.86 10.95 2.40
N LEU D 148 -26.25 11.48 3.56
CA LEU D 148 -26.37 12.93 3.73
C LEU D 148 -25.06 13.51 4.26
N VAL D 149 -24.86 14.80 4.02
CA VAL D 149 -23.58 15.48 4.29
C VAL D 149 -23.81 16.86 4.92
N ASP D 150 -23.13 17.14 6.02
CA ASP D 150 -23.19 18.46 6.67
C ASP D 150 -22.07 19.38 6.17
N ASN D 151 -22.03 20.61 6.67
CA ASN D 151 -21.01 21.59 6.24
C ASN D 151 -19.57 21.19 6.58
N ASP D 152 -19.40 20.38 7.63
CA ASP D 152 -18.09 19.84 8.00
C ASP D 152 -17.71 18.57 7.21
N PHE D 153 -18.46 18.29 6.14
CA PHE D 153 -18.23 17.12 5.28
C PHE D 153 -18.32 15.77 6.01
N HIS D 154 -18.99 15.76 7.18
CA HIS D 154 -19.25 14.54 7.91
C HIS D 154 -20.61 13.99 7.45
N ILE D 155 -20.67 12.68 7.23
CA ILE D 155 -21.85 12.06 6.60
C ILE D 155 -22.78 11.37 7.59
N LYS D 156 -24.02 11.14 7.14
CA LYS D 156 -25.01 10.41 7.91
C LYS D 156 -25.86 9.52 7.00
N ILE D 157 -25.91 8.24 7.33
CA ILE D 157 -26.66 7.27 6.54
C ILE D 157 -28.16 7.45 6.80
N ALA D 158 -28.92 7.59 5.71
CA ALA D 158 -30.36 7.82 5.78
C ALA D 158 -31.13 6.69 5.14
N ASP D 159 -32.45 6.74 5.31
CA ASP D 159 -33.38 5.88 4.57
C ASP D 159 -34.57 6.75 4.18
N LEU D 160 -34.41 7.50 3.10
CA LEU D 160 -35.41 8.46 2.63
C LEU D 160 -36.64 7.78 2.03
N GLY D 161 -36.41 6.71 1.28
CA GLY D 161 -37.50 5.95 0.68
C GLY D 161 -38.26 5.04 1.63
N LEU D 162 -37.84 5.01 2.90
CA LEU D 162 -38.51 4.24 3.95
C LEU D 162 -38.43 2.72 3.69
N ALA D 163 -37.32 2.29 3.12
CA ALA D 163 -37.10 0.89 2.77
C ALA D 163 -37.20 -0.03 3.98
N SER D 164 -36.48 0.32 5.05
CA SER D 164 -36.45 -0.48 6.27
C SER D 164 -37.76 -0.42 7.04
N PHE D 165 -38.47 0.70 6.92
CA PHE D 165 -39.64 0.98 7.75
C PHE D 165 -40.93 0.75 6.96
N LYS D 166 -41.11 -0.52 6.63
CA LYS D 166 -42.30 -1.05 5.95
C LYS D 166 -43.63 -0.49 6.45
N MET D 167 -43.78 -0.34 7.77
CA MET D 167 -45.01 0.19 8.36
C MET D 167 -45.27 1.62 7.87
N TRP D 168 -44.22 2.43 7.80
CA TRP D 168 -44.32 3.80 7.31
C TRP D 168 -44.33 3.86 5.78
N SER D 169 -43.58 2.97 5.13
CA SER D 169 -43.58 2.89 3.67
C SER D 169 -44.91 2.39 3.11
N LYS D 170 -45.62 1.57 3.88
CA LYS D 170 -46.98 1.17 3.53
C LYS D 170 -47.95 2.35 3.63
N LEU D 171 -47.73 3.22 4.62
CA LEU D 171 -48.50 4.46 4.77
C LEU D 171 -48.16 5.49 3.67
N ASN D 172 -46.98 5.35 3.07
CA ASN D 172 -46.54 6.20 1.97
C ASN D 172 -47.45 6.11 0.75
N ASN D 173 -47.74 4.89 0.30
CA ASN D 173 -48.57 4.64 -0.87
C ASN D 173 -49.88 3.96 -0.51
N GLU D 174 -51.00 4.63 -0.79
CA GLU D 174 -52.34 4.05 -0.58
C GLU D 174 -53.33 4.57 -1.63
N GLY D 191 -36.07 4.44 -7.05
CA GLY D 191 -35.74 4.73 -8.44
C GLY D 191 -34.77 3.72 -9.05
N THR D 192 -33.48 4.01 -8.92
CA THR D 192 -32.44 3.26 -9.63
C THR D 192 -32.16 1.89 -9.03
N LEU D 193 -31.69 1.00 -9.89
CA LEU D 193 -31.34 -0.37 -9.51
C LEU D 193 -29.82 -0.59 -9.56
N TYR D 194 -29.05 0.47 -9.80
CA TYR D 194 -27.60 0.36 -10.02
C TYR D 194 -26.86 -0.16 -8.78
N TYR D 195 -27.38 0.16 -7.61
CA TYR D 195 -26.75 -0.20 -6.34
C TYR D 195 -27.37 -1.44 -5.71
N MET D 196 -28.20 -2.16 -6.48
CA MET D 196 -28.88 -3.35 -5.98
C MET D 196 -28.13 -4.62 -6.40
N ALA D 197 -27.93 -5.53 -5.45
CA ALA D 197 -27.21 -6.77 -5.70
C ALA D 197 -27.93 -7.64 -6.71
N PRO D 198 -27.19 -8.51 -7.43
CA PRO D 198 -27.79 -9.36 -8.46
C PRO D 198 -28.83 -10.34 -7.94
N GLU D 199 -28.68 -10.82 -6.70
CA GLU D 199 -29.63 -11.79 -6.13
C GLU D 199 -31.03 -11.19 -5.88
N HIS D 200 -31.14 -9.87 -5.92
CA HIS D 200 -32.44 -9.20 -5.82
C HIS D 200 -32.99 -8.77 -7.19
N LEU D 201 -32.11 -8.59 -8.17
CA LEU D 201 -32.54 -8.32 -9.55
C LEU D 201 -33.33 -9.50 -10.09
N ASN D 202 -34.57 -9.24 -10.52
CA ASN D 202 -35.50 -10.28 -10.98
C ASN D 202 -35.80 -11.37 -9.95
N ASP D 203 -35.60 -11.07 -8.67
CA ASP D 203 -35.91 -11.99 -7.58
C ASP D 203 -36.38 -11.15 -6.39
N VAL D 204 -37.65 -10.79 -6.41
CA VAL D 204 -38.26 -9.95 -5.40
C VAL D 204 -38.46 -10.71 -4.07
N ASN D 205 -38.61 -12.03 -4.15
CA ASN D 205 -38.91 -12.86 -2.98
C ASN D 205 -37.71 -13.27 -2.11
N ALA D 206 -36.50 -13.15 -2.65
CA ALA D 206 -35.29 -13.44 -1.87
C ALA D 206 -35.11 -12.39 -0.78
N LYS D 207 -34.97 -12.83 0.47
CA LYS D 207 -34.80 -11.90 1.60
C LYS D 207 -33.37 -11.36 1.65
N PRO D 208 -33.23 -10.02 1.78
CA PRO D 208 -31.92 -9.41 1.91
C PRO D 208 -31.15 -9.85 3.17
N THR D 209 -29.84 -9.84 3.06
CA THR D 209 -28.93 -10.22 4.15
C THR D 209 -27.96 -9.07 4.42
N GLU D 210 -26.97 -9.32 5.27
CA GLU D 210 -25.89 -8.35 5.49
C GLU D 210 -25.14 -8.04 4.20
N LYS D 211 -25.06 -9.00 3.29
CA LYS D 211 -24.24 -8.88 2.09
C LYS D 211 -24.94 -8.16 0.93
N SER D 212 -26.22 -7.85 1.09
CA SER D 212 -26.98 -7.13 0.06
C SER D 212 -26.51 -5.67 -0.08
N ASP D 213 -26.26 -5.03 1.05
CA ASP D 213 -25.80 -3.63 1.04
C ASP D 213 -24.28 -3.49 1.03
N VAL D 214 -23.58 -4.61 1.20
CA VAL D 214 -22.14 -4.66 0.94
C VAL D 214 -21.91 -4.49 -0.56
N TYR D 215 -22.77 -5.12 -1.37
CA TYR D 215 -22.75 -4.90 -2.81
C TYR D 215 -23.04 -3.45 -3.14
N SER D 216 -24.05 -2.88 -2.47
CA SER D 216 -24.38 -1.47 -2.65
C SER D 216 -23.18 -0.59 -2.28
N PHE D 217 -22.61 -0.86 -1.12
CA PHE D 217 -21.43 -0.16 -0.63
C PHE D 217 -20.31 -0.13 -1.66
N ALA D 218 -20.12 -1.25 -2.36
CA ALA D 218 -19.08 -1.37 -3.39
C ALA D 218 -19.32 -0.44 -4.56
N VAL D 219 -20.58 -0.29 -4.98
CA VAL D 219 -20.93 0.59 -6.08
C VAL D 219 -20.88 2.04 -5.60
N VAL D 220 -21.18 2.24 -4.31
CA VAL D 220 -21.04 3.56 -3.68
C VAL D 220 -19.58 4.02 -3.68
N LEU D 221 -18.65 3.08 -3.52
CA LEU D 221 -17.21 3.39 -3.63
C LEU D 221 -16.83 3.86 -5.03
N TRP D 222 -17.43 3.24 -6.05
CA TRP D 222 -17.13 3.60 -7.44
C TRP D 222 -17.53 5.05 -7.74
N ALA D 223 -18.78 5.38 -7.44
CA ALA D 223 -19.34 6.70 -7.74
C ALA D 223 -18.56 7.83 -7.08
N ILE D 224 -18.04 7.58 -5.88
CA ILE D 224 -17.23 8.56 -5.15
C ILE D 224 -15.99 8.99 -5.94
N PHE D 225 -15.44 8.08 -6.75
CA PHE D 225 -14.26 8.37 -7.58
C PHE D 225 -14.60 8.78 -9.02
N ALA D 226 -15.74 8.31 -9.53
CA ALA D 226 -16.18 8.68 -10.88
C ALA D 226 -16.83 10.06 -10.91
N ASN D 227 -17.42 10.46 -9.78
CA ASN D 227 -18.20 11.70 -9.67
C ASN D 227 -19.41 11.70 -10.61
N LYS D 228 -20.05 10.53 -10.73
CA LYS D 228 -21.21 10.36 -11.62
C LYS D 228 -21.96 9.09 -11.27
N GLU D 229 -23.19 8.99 -11.76
CA GLU D 229 -23.99 7.77 -11.60
C GLU D 229 -23.37 6.68 -12.48
N PRO D 230 -23.24 5.45 -11.93
CA PRO D 230 -22.62 4.36 -12.69
C PRO D 230 -23.45 3.89 -13.88
N TYR D 231 -22.85 3.01 -14.69
CA TYR D 231 -23.47 2.45 -15.88
C TYR D 231 -23.97 3.53 -16.84
N GLU D 232 -23.25 4.66 -16.92
CA GLU D 232 -23.59 5.74 -17.85
C GLU D 232 -24.94 6.37 -17.48
N ASN D 233 -26.01 5.64 -17.75
CA ASN D 233 -27.39 6.02 -17.45
C ASN D 233 -28.26 4.86 -17.94
N ALA D 234 -28.90 5.00 -19.11
CA ALA D 234 -29.77 3.96 -19.68
C ALA D 234 -30.89 3.52 -18.72
N ILE D 235 -32.04 3.17 -19.29
CA ILE D 235 -33.16 2.71 -18.48
C ILE D 235 -32.76 1.44 -17.75
N ALA D 236 -33.18 1.31 -16.50
CA ALA D 236 -33.01 0.08 -15.75
C ALA D 236 -33.99 -0.98 -16.27
N GLU D 237 -33.77 -1.42 -17.50
CA GLU D 237 -34.61 -2.42 -18.16
C GLU D 237 -33.83 -3.72 -18.30
N GLN D 238 -34.46 -4.71 -18.95
CA GLN D 238 -33.94 -6.07 -18.96
C GLN D 238 -32.54 -6.25 -19.58
N GLN D 239 -32.17 -5.38 -20.51
CA GLN D 239 -30.84 -5.44 -21.12
C GLN D 239 -29.76 -5.20 -20.07
N LEU D 240 -29.96 -4.17 -19.25
CA LEU D 240 -29.03 -3.81 -18.18
C LEU D 240 -29.09 -4.79 -17.01
N ILE D 241 -30.30 -5.24 -16.68
CA ILE D 241 -30.50 -6.16 -15.56
C ILE D 241 -29.76 -7.48 -15.77
N MET D 242 -29.92 -8.06 -16.95
CA MET D 242 -29.26 -9.32 -17.28
C MET D 242 -27.76 -9.13 -17.38
N ALA D 243 -27.33 -8.02 -17.99
CA ALA D 243 -25.91 -7.67 -18.06
C ALA D 243 -25.27 -7.69 -16.66
N ILE D 244 -25.91 -7.02 -15.71
CA ILE D 244 -25.42 -6.99 -14.33
C ILE D 244 -25.46 -8.37 -13.67
N LYS D 245 -26.52 -9.12 -13.91
CA LYS D 245 -26.62 -10.49 -13.40
C LYS D 245 -25.57 -11.42 -14.03
N SER D 246 -25.22 -11.15 -15.29
CA SER D 246 -24.20 -11.93 -16.00
C SER D 246 -22.76 -11.60 -15.58
N GLY D 247 -22.61 -10.55 -14.77
CA GLY D 247 -21.32 -10.21 -14.18
C GLY D 247 -20.78 -8.83 -14.49
N ASN D 248 -21.45 -8.09 -15.38
CA ASN D 248 -21.00 -6.75 -15.74
C ASN D 248 -21.13 -5.78 -14.56
N ARG D 249 -20.17 -4.86 -14.47
CA ARG D 249 -20.03 -3.96 -13.33
C ARG D 249 -19.64 -2.57 -13.83
N PRO D 250 -19.60 -1.57 -12.92
CA PRO D 250 -19.21 -0.21 -13.32
C PRO D 250 -17.89 -0.14 -14.10
N ASP D 251 -17.88 0.69 -15.13
CA ASP D 251 -16.72 0.88 -15.98
C ASP D 251 -15.58 1.53 -15.19
N VAL D 252 -14.53 0.75 -14.92
CA VAL D 252 -13.39 1.24 -14.14
C VAL D 252 -12.43 2.08 -14.99
N ASP D 253 -12.45 1.87 -16.31
CA ASP D 253 -11.68 2.71 -17.23
C ASP D 253 -12.28 4.12 -17.36
N ASP D 254 -13.54 4.28 -16.93
CA ASP D 254 -14.16 5.60 -16.80
C ASP D 254 -13.41 6.43 -15.77
N ILE D 255 -13.00 5.79 -14.68
CA ILE D 255 -12.20 6.45 -13.64
C ILE D 255 -10.83 6.80 -14.22
N THR D 256 -10.77 7.94 -14.91
CA THR D 256 -9.51 8.48 -15.43
C THR D 256 -8.87 9.41 -14.41
N GLU D 257 -9.69 10.02 -13.56
CA GLU D 257 -9.21 10.73 -12.38
C GLU D 257 -8.71 9.70 -11.37
N TYR D 258 -7.44 9.80 -10.99
CA TYR D 258 -6.73 8.75 -10.23
C TYR D 258 -7.47 8.24 -8.99
N CYS D 259 -7.30 6.94 -8.73
CA CYS D 259 -7.87 6.26 -7.57
C CYS D 259 -6.85 5.25 -7.03
N PRO D 260 -6.77 5.06 -5.69
CA PRO D 260 -5.77 4.13 -5.16
C PRO D 260 -6.02 2.65 -5.50
N ARG D 261 -5.14 1.78 -5.01
CA ARG D 261 -5.08 0.37 -5.41
C ARG D 261 -5.94 -0.56 -4.56
N GLU D 262 -5.78 -0.45 -3.23
CA GLU D 262 -6.57 -1.25 -2.29
C GLU D 262 -8.06 -0.97 -2.47
N ILE D 263 -8.38 0.30 -2.77
CA ILE D 263 -9.75 0.73 -3.03
C ILE D 263 -10.35 -0.08 -4.17
N ILE D 264 -9.63 -0.16 -5.28
CA ILE D 264 -10.06 -0.96 -6.44
C ILE D 264 -10.10 -2.44 -6.07
N SER D 265 -9.18 -2.85 -5.20
CA SER D 265 -9.16 -4.21 -4.66
C SER D 265 -10.23 -4.46 -3.59
N LEU D 266 -11.09 -3.48 -3.33
CA LEU D 266 -12.15 -3.61 -2.32
C LEU D 266 -13.55 -3.54 -2.94
N MET D 267 -13.79 -2.57 -3.82
CA MET D 267 -15.08 -2.48 -4.51
C MET D 267 -15.34 -3.72 -5.38
N LYS D 268 -14.32 -4.18 -6.09
CA LYS D 268 -14.43 -5.42 -6.85
C LYS D 268 -14.64 -6.60 -5.90
N LEU D 269 -13.94 -6.55 -4.77
CA LEU D 269 -14.07 -7.54 -3.70
C LEU D 269 -15.50 -7.57 -3.15
N CYS D 270 -16.07 -6.39 -2.96
CA CYS D 270 -17.38 -6.24 -2.34
C CYS D 270 -18.55 -6.29 -3.32
N TRP D 271 -18.30 -6.30 -4.62
CA TRP D 271 -19.39 -6.41 -5.60
C TRP D 271 -19.47 -7.76 -6.32
N GLU D 272 -18.93 -8.80 -5.67
CA GLU D 272 -18.94 -10.15 -6.24
C GLU D 272 -20.35 -10.70 -6.31
N ALA D 273 -20.55 -11.74 -7.12
CA ALA D 273 -21.87 -12.33 -7.32
C ALA D 273 -22.32 -13.18 -6.14
N ASN D 274 -21.37 -13.90 -5.54
CA ASN D 274 -21.64 -14.76 -4.40
C ASN D 274 -21.56 -13.95 -3.10
N PRO D 275 -22.65 -13.91 -2.30
CA PRO D 275 -22.64 -13.25 -0.99
C PRO D 275 -21.51 -13.67 -0.04
N GLU D 276 -21.11 -14.94 -0.10
CA GLU D 276 -20.03 -15.46 0.76
C GLU D 276 -18.66 -14.84 0.48
N ALA D 277 -18.40 -14.52 -0.78
CA ALA D 277 -17.17 -13.82 -1.17
C ALA D 277 -17.11 -12.41 -0.55
N ARG D 278 -18.27 -11.80 -0.35
CA ARG D 278 -18.36 -10.46 0.20
C ARG D 278 -18.18 -10.51 1.72
N PRO D 279 -17.38 -9.59 2.27
CA PRO D 279 -17.12 -9.58 3.71
C PRO D 279 -18.20 -8.86 4.50
N THR D 280 -18.12 -8.95 5.82
CA THR D 280 -18.92 -8.11 6.71
C THR D 280 -18.26 -6.72 6.69
N PHE D 281 -19.01 -5.70 7.09
CA PHE D 281 -18.46 -4.34 7.18
C PHE D 281 -17.33 -4.23 8.22
N PRO D 282 -17.42 -4.96 9.34
CA PRO D 282 -16.30 -5.07 10.27
C PRO D 282 -14.98 -5.49 9.62
N GLY D 283 -15.03 -6.50 8.75
CA GLY D 283 -13.85 -6.94 8.01
C GLY D 283 -13.32 -5.90 7.03
N ILE D 284 -14.19 -4.97 6.64
CA ILE D 284 -13.83 -3.86 5.76
C ILE D 284 -13.22 -2.70 6.56
N GLU D 285 -13.70 -2.52 7.79
CA GLU D 285 -13.23 -1.45 8.68
C GLU D 285 -11.70 -1.42 8.80
N GLU D 286 -11.10 -2.56 9.13
CA GLU D 286 -9.64 -2.62 9.36
C GLU D 286 -8.84 -2.74 8.05
N LYS D 287 -9.41 -3.37 7.04
CA LYS D 287 -8.75 -3.43 5.73
C LYS D 287 -8.62 -2.02 5.13
N PHE D 288 -9.50 -1.11 5.53
CA PHE D 288 -9.50 0.27 5.04
C PHE D 288 -8.85 1.29 5.98
N ARG D 289 -9.15 1.20 7.28
CA ARG D 289 -8.76 2.25 8.25
C ARG D 289 -7.27 2.66 8.17
N PRO D 290 -6.33 1.70 8.23
CA PRO D 290 -4.93 2.03 8.02
C PRO D 290 -4.65 2.69 6.67
N PHE D 291 -5.32 2.23 5.61
CA PHE D 291 -5.12 2.81 4.27
C PHE D 291 -5.53 4.28 4.22
N TYR D 292 -6.61 4.63 4.90
CA TYR D 292 -7.03 6.03 5.03
C TYR D 292 -5.97 6.85 5.76
N LEU D 293 -5.54 6.35 6.92
CA LEU D 293 -4.57 7.06 7.76
C LEU D 293 -3.18 7.13 7.14
N SER D 294 -2.75 6.05 6.49
CA SER D 294 -1.39 5.96 5.94
C SER D 294 -1.20 6.71 4.63
N GLN D 295 -2.24 6.70 3.78
CA GLN D 295 -2.17 7.31 2.45
C GLN D 295 -2.93 8.64 2.38
N LEU D 296 -4.22 8.59 2.65
CA LEU D 296 -5.11 9.72 2.40
C LEU D 296 -5.03 10.74 3.52
N1 EJP E . 26.77 -2.51 12.45
N3 EJP E . 23.71 -0.40 1.05
C4 EJP E . 27.06 -2.57 -0.98
C5 EJP E . 23.92 -1.13 11.01
C6 EJP E . 25.54 -0.36 -1.56
C7 EJP E . 25.79 -2.45 -0.44
C8 EJP E . 23.12 -0.33 10.23
C10 EJP E . 25.29 -1.00 10.96
C13 EJP E . 23.67 0.62 9.39
C15 EJP E . 23.94 -0.01 3.10
C17 EJP E . 24.16 -0.17 4.51
C20 EJP E . 24.45 2.27 4.52
C21 EJP E . 25.60 1.41 7.17
C22 EJP E . 24.25 0.97 6.64
C24 EJP E . 23.67 -1.18 -0.17
C1 EJP E . 26.11 -1.83 11.79
C2 EJP E . 27.56 -1.59 -1.79
C3 EJP E . 26.79 -0.48 -2.10
C9 EJP E . 25.86 -0.06 10.14
C11 EJP E . 23.66 1.25 2.49
C12 EJP E . 25.03 -1.33 -0.74
C14 EJP E . 25.05 0.73 9.37
C16 EJP E . 23.52 0.95 1.16
C18 EJP E . 23.09 1.71 7.26
C19 EJP E . 23.59 2.48 3.30
C23 EJP E . 21.81 2.15 9.27
N2 EJP E . 23.97 -1.00 2.21
N4 EJP E . 22.86 1.44 8.59
N5 EJP E . 24.21 1.02 5.20
O1 EJP E . 24.28 -1.29 5.00
O2 EJP E . 22.40 2.47 6.59
O3 EJP E . 25.68 1.65 8.57
CL1 EJP E . 23.18 1.94 -0.20
N1 EJP F . 10.42 -18.29 -43.03
N3 EJP F . 17.36 -12.08 -35.61
C4 EJP F . 14.77 -8.36 -34.94
C5 EJP F . 13.32 -19.14 -41.32
C6 EJP F . 17.33 -9.05 -35.64
C7 EJP F . 15.28 -9.57 -34.55
C8 EJP F . 14.60 -19.09 -40.85
C10 EJP F . 12.84 -18.16 -42.15
C13 EJP F . 15.45 -18.06 -41.20
C15 EJP F . 16.89 -13.36 -37.21
C17 EJP F . 16.17 -14.17 -38.16
C20 EJP F . 18.24 -14.03 -39.48
C21 EJP F . 16.16 -15.11 -41.39
C22 EJP F . 16.45 -15.70 -40.04
C24 EJP F . 17.13 -11.23 -34.45
C1 EJP F . 11.51 -18.23 -42.63
C2 EJP F . 15.52 -7.50 -35.69
C3 EJP F . 16.81 -7.84 -36.03
C9 EJP F . 13.66 -17.11 -42.50
C11 EJP F . 18.30 -13.19 -37.25
C12 EJP F . 16.57 -9.91 -34.89
C14 EJP F . 14.95 -17.08 -42.02
C16 EJP F . 18.55 -12.35 -36.19
C18 EJP F . 17.33 -16.91 -40.11
C19 EJP F . 19.13 -13.86 -38.27
C23 EJP F . 17.55 -19.21 -40.89
N2 EJP F . 16.32 -12.67 -36.21
N4 EJP F . 16.76 -18.01 -40.71
N5 EJP F . 16.99 -14.68 -39.15
O1 EJP F . 14.98 -14.37 -38.05
O2 EJP F . 18.46 -16.92 -39.65
O3 EJP F . 15.73 -16.00 -42.41
CL1 EJP F . 20.02 -11.70 -35.58
N1 EJP G . 1.60 6.61 30.93
N3 EJP G . -9.56 5.90 26.87
C4 EJP G . -11.49 8.72 29.85
C5 EJP G . 0.38 5.37 27.90
C6 EJP G . -11.91 6.22 28.79
C7 EJP G . -11.00 8.42 28.61
C8 EJP G . -0.40 4.65 27.03
C10 EJP G . 0.16 5.27 29.26
C13 EJP G . -1.40 3.81 27.50
C15 EJP G . -7.60 5.26 27.27
C17 EJP G . -6.21 5.24 27.63
C20 EJP G . -6.47 2.81 27.75
C21 EJP G . -3.91 3.28 29.13
C22 EJP G . -4.20 3.84 27.74
C24 EJP G . -10.67 6.82 26.73
C1 EJP G . 0.95 6.01 30.18
C2 EJP G . -12.20 7.78 30.56
C3 EJP G . -12.41 6.53 30.03
C9 EJP G . -0.83 4.45 29.74
C11 EJP G . -8.31 4.09 26.88
C12 EJP G . -11.20 7.16 28.07
C14 EJP G . -1.59 3.74 28.86
C16 EJP G . -9.58 4.56 26.64
C18 EJP G . -3.58 3.04 26.64
C19 EJP G . -7.67 2.78 26.84
C23 EJP G . -1.49 2.19 25.71
N2 EJP G . -8.36 6.35 27.26
N4 EJP G . -2.20 3.06 26.62
N5 EJP G . -5.63 3.98 27.55
O1 EJP G . -5.63 6.26 27.99
O2 EJP G . -4.25 2.43 25.82
O3 EJP G . -2.57 2.92 29.40
CL1 EJP G . -11.01 3.76 26.12
N1 EJP H . -37.00 13.00 0.15
N3 EJP H . -32.90 6.81 9.70
C4 EJP H . -30.92 3.32 7.56
C5 EJP H . -36.58 13.76 3.51
C6 EJP H . -32.64 3.76 9.65
C7 EJP H . -30.89 4.52 8.23
C8 EJP H . -36.65 13.66 4.88
C10 EJP H . -37.15 12.78 2.72
C13 EJP H . -37.29 12.60 5.49
C15 EJP H . -34.17 8.02 8.53
C17 EJP H . -34.72 8.80 7.45
C20 EJP H . -36.84 8.53 8.67
C21 EJP H . -37.72 9.64 5.97
C22 EJP H . -36.62 10.21 6.83
C24 EJP H . -31.72 6.03 10.02
C1 EJP H . -37.07 12.90 1.30
C2 EJP H . -31.81 2.35 7.92
C3 EJP H . -32.67 2.56 8.97
C9 EJP H . -37.80 11.72 3.31
C11 EJP H . -34.84 7.85 9.78
C12 EJP H . -31.75 4.74 9.28
C14 EJP H . -37.85 11.64 4.69
C16 EJP H . -33.98 7.06 10.51
C18 EJP H . -37.06 11.41 7.64
C19 EJP H . -36.15 8.46 10.02
C23 EJP H . -37.84 13.71 7.57
N2 EJP H . -32.99 7.40 8.50
N4 EJP H . -37.36 12.53 6.89
N5 EJP H . -36.02 9.18 7.67
O1 EJP H . -34.04 9.08 6.47
O2 EJP H . -37.12 11.37 8.85
O3 EJP H . -38.51 10.55 5.23
CL1 EJP H . -34.09 6.42 12.10
#